data_9GE3
#
_entry.id   9GE3
#
_cell.length_a   1.00
_cell.length_b   1.00
_cell.length_c   1.00
_cell.angle_alpha   90.00
_cell.angle_beta   90.00
_cell.angle_gamma   90.00
#
_symmetry.space_group_name_H-M   'P 1'
#
loop_
_entity.id
_entity.type
_entity.pdbx_description
1 polymer 'Guanine nucleotide-binding protein G(i) subunit alpha-2,Guanine nucleotide-binding protein subunit alpha-13'
2 polymer 'Guanine nucleotide-binding protein G(I)/G(S)/G(T) subunit beta-1'
3 polymer 'Single-chain variable fragment ScFv16'
4 polymer 'Guanine nucleotide-binding protein G(I)/G(S)/G(O) subunit gamma-2'
5 polymer 'Green fluorescent protein,G-protein coupled receptor 55,G-protein coupled receptor 55'
6 non-polymer '[(2R)-2-oxidanyl-3-[oxidanyl-[(2R,3S,5R,6R)-2,3,4,5,6-pentakis(oxidanyl)cyclohexyl]oxy-phosphoryl]oxy-propyl] hexadecanoate'
7 non-polymer 2-acetamido-2-deoxy-beta-D-glucopyranose
8 water water
#
loop_
_entity_poly.entity_id
_entity_poly.type
_entity_poly.pdbx_seq_one_letter_code
_entity_poly.pdbx_strand_id
1 'polypeptide(L)'
;MGSTVSAEDKAAAERSKEIDKCLSREKTYVKRLVKILLLGADNSGKSTFLKQMRIIHGGSGGSGGTKGIHEYDFEIKNVP
FKMVDVGGQRSERKRWFECFDSVTSILFLVDSSDFNRLTESLNDFETIVNNRVFSNVSIILFLNKTDLLEEKVQIVSIKD
YFLEFEGDPHCLRDVQKFLVECFRNKRRDQQQKPLYHHFTTAINTENARLIFRDVKDTILHDNLKQLMLQ
;
A
2 'polypeptide(L)'
;MHHHHHHLEVLFQGPGSSGSELDQLRQEAEQLKNQIRDARKACADATLSQITNNIDPVGRIQMRTRRTLRGHLAKIYAMH
WGTDSRLLVSASQDGKLIIWDSYTTNKVHAIPLRSSWVMTCAYAPSGNYVACGGLDNICSIYNLKTREGNVRVSRELAGH
TGYLSCCRFLDDNQIVTSSGDTTCALWDIETGQQTTTFTGHTGDVMSLSLAPDTRLFVSGACDASAKLWDVREGMCRQTF
TGHESDINAICFFPNGNAFATGSDDATCRLFDLRADQELMTYSHDNIICGITSVSFSKSGRLLLAGYDDFNCNVWDALKA
DRAGVLAGHDNRVSCLGVTDDGMAVATGSWDSFLKIWN
;
B
3 'polypeptide(L)'
;DVQLVESGGGLVQPGGSRKLSCSASGFAFSSFGMHWVRQAPEKGLEWVAYISSGSGTIYYADTVKGRFTISRDDPKNTLF
LQMTSLRSEDTAMYYCVRSIYYYGSSPFDFWGGTTLTVSSGGGGSGGGGSGGGGSDIVMTQATSSVPVTPGESVSISCRS
SKSLLHSNGNTYLYWFLQRPGQSPQLLIYRMSNLASGVPDRFSGSGSGTAFTLTISRLEAEDVGVYYCMQHLEYPLTFGA
GTKLELKLEVLFQ
;
F
4 'polypeptide(L)' MASNNTASIAQARKLVEQLKMEANIDRIKVSKAAADLMAYCEAHAKEDPLLTPVPASENPFREKKFFCAILGSAGSAGSA G
5 'polypeptide(L)'
;MKTIIALSYIFCLVFADYKDDDDKKGEELFTGVVPILVELDGDVNGHKFSVSGEGEGDATYGKLTLKFICTTGKLPVPWP
TLVTTLTYGVQCFSRYPDHMKRHDFFKSAMPEGYVQERTISFKDDGNYKTRAEVKFEGDTLVNRIELKGIDFKEDGNILG
HKLEYNYNSHNVYITADKQKNGIKANFKIRHNIEDGSVQLADHYQQNTPIGDGPVLLPDNHYLSTQSALSKDPNEKRDHM
VLLEFVTAAGITHGMDELYKAAGSGEFLEVLFQGPGAGSDSMSQQNTSGDCLFDGVNELMKTLQFAVHIPTFVLGLLLNL
LAIHGFSTFLKNRWPDYAATSIYMINLAVFDLLLVLSLPFKMVLSQVQSPFPSLCTLVECLYFVSMYGSVFTICFISMDR
FLAIRYPLLVSHLRSPRKIFGICCTIWVLVWTGSIPIYSFHGKVEKYMCFHNMSDDTWSAKVFFPLEVFGFLLPMGIMGF
CCSRSIHILLGRRDHTQDWVQQKACIYSIAASLAVFVVSFLPVHLGFFLQFLVRNSFIVECRAKQSISFFLQLSMCFSNV
NCCLDVFCYYFVIKEFRMNIRAHRPSRVQLVLQDTTISRGAGSGAGSAWSHPQFEKGGGSGGGSGGSAWSHPQFEKGAGS
HHHHHHHHHH
;
R
#
# COMPACT_ATOMS: atom_id res chain seq x y z
N VAL A 5 -18.45 -4.08 21.64
CA VAL A 5 -17.03 -4.14 21.98
C VAL A 5 -16.86 -4.55 23.43
N SER A 6 -16.69 -5.85 23.67
CA SER A 6 -16.55 -6.38 25.01
C SER A 6 -15.12 -6.22 25.51
N ALA A 7 -14.85 -6.78 26.69
CA ALA A 7 -13.53 -6.67 27.29
C ALA A 7 -12.48 -7.42 26.48
N GLU A 8 -12.87 -8.47 25.78
CA GLU A 8 -11.94 -9.23 24.95
C GLU A 8 -11.77 -8.64 23.56
N ASP A 9 -12.78 -7.93 23.05
CA ASP A 9 -12.65 -7.29 21.75
C ASP A 9 -11.71 -6.09 21.81
N LYS A 10 -11.66 -5.40 22.96
CA LYS A 10 -10.72 -4.30 23.12
C LYS A 10 -9.28 -4.79 23.05
N ALA A 11 -8.99 -5.94 23.65
CA ALA A 11 -7.65 -6.50 23.57
C ALA A 11 -7.29 -6.92 22.15
N ALA A 12 -8.26 -7.47 21.41
CA ALA A 12 -8.02 -7.80 20.00
C ALA A 12 -7.74 -6.54 19.18
N ALA A 13 -8.49 -5.47 19.45
CA ALA A 13 -8.23 -4.21 18.77
C ALA A 13 -6.85 -3.67 19.11
N GLU A 14 -6.44 -3.78 20.36
CA GLU A 14 -5.09 -3.35 20.76
C GLU A 14 -4.02 -4.17 20.04
N ARG A 15 -4.25 -5.49 19.93
CA ARG A 15 -3.30 -6.33 19.19
C ARG A 15 -3.23 -5.92 17.73
N SER A 16 -4.38 -5.60 17.13
CA SER A 16 -4.39 -5.12 15.75
C SER A 16 -3.63 -3.80 15.62
N LYS A 17 -3.78 -2.92 16.62
CA LYS A 17 -3.03 -1.66 16.60
C LYS A 17 -1.53 -1.91 16.67
N GLU A 18 -1.11 -2.86 17.51
CA GLU A 18 0.31 -3.21 17.58
C GLU A 18 0.81 -3.77 16.26
N ILE A 19 0.00 -4.63 15.63
CA ILE A 19 0.39 -5.20 14.33
C ILE A 19 0.51 -4.11 13.27
N ASP A 20 -0.44 -3.16 13.26
CA ASP A 20 -0.40 -2.06 12.31
C ASP A 20 0.82 -1.18 12.55
N LYS A 21 1.15 -0.93 13.82
CA LYS A 21 2.36 -0.17 14.12
C LYS A 21 3.60 -0.89 13.62
N CYS A 22 3.66 -2.21 13.79
CA CYS A 22 4.80 -2.98 13.29
C CYS A 22 4.89 -2.89 11.77
N LEU A 23 3.75 -2.98 11.08
CA LEU A 23 3.77 -2.87 9.61
C LEU A 23 4.22 -1.48 9.17
N SER A 24 3.72 -0.43 9.83
CA SER A 24 4.06 0.93 9.44
C SER A 24 5.48 1.32 9.82
N ARG A 25 6.10 0.62 10.78
CA ARG A 25 7.47 0.94 11.15
C ARG A 25 8.45 0.66 10.01
N GLU A 26 8.12 -0.29 9.13
CA GLU A 26 9.00 -0.67 8.04
C GLU A 26 8.57 -0.09 6.70
N LYS A 27 7.66 0.86 6.69
CA LYS A 27 7.21 1.46 5.43
C LYS A 27 8.26 2.38 4.82
N THR A 28 9.24 2.83 5.60
CA THR A 28 10.30 3.65 5.05
C THR A 28 11.31 2.82 4.26
N TYR A 29 11.58 1.59 4.72
CA TYR A 29 12.57 0.75 4.06
C TYR A 29 12.15 0.38 2.65
N VAL A 30 10.87 0.05 2.45
CA VAL A 30 10.41 -0.36 1.12
C VAL A 30 10.52 0.80 0.13
N LYS A 31 10.27 2.03 0.60
CA LYS A 31 10.45 3.19 -0.26
C LYS A 31 11.92 3.46 -0.53
N ARG A 32 12.77 3.32 0.49
CA ARG A 32 14.20 3.59 0.32
C ARG A 32 14.90 2.52 -0.50
N LEU A 33 14.29 1.34 -0.65
CA LEU A 33 14.94 0.25 -1.36
C LEU A 33 15.04 0.57 -2.85
N VAL A 34 16.19 0.24 -3.44
CA VAL A 34 16.44 0.44 -4.86
C VAL A 34 16.67 -0.92 -5.50
N LYS A 35 15.86 -1.25 -6.51
CA LYS A 35 15.84 -2.57 -7.10
C LYS A 35 16.50 -2.56 -8.47
N ILE A 36 17.43 -3.49 -8.69
CA ILE A 36 18.08 -3.69 -9.97
C ILE A 36 17.88 -5.14 -10.38
N LEU A 37 17.34 -5.36 -11.57
CA LEU A 37 17.09 -6.69 -12.09
C LEU A 37 18.18 -7.07 -13.08
N LEU A 38 18.85 -8.19 -12.84
CA LEU A 38 19.96 -8.62 -13.68
C LEU A 38 19.45 -9.56 -14.77
N LEU A 39 19.83 -9.28 -16.01
CA LEU A 39 19.41 -10.05 -17.19
C LEU A 39 20.61 -10.37 -18.08
N GLY A 40 21.69 -10.85 -17.47
CA GLY A 40 22.89 -11.19 -18.21
C GLY A 40 22.78 -12.54 -18.90
N ALA A 41 23.85 -12.88 -19.61
CA ALA A 41 23.93 -14.12 -20.37
C ALA A 41 24.92 -15.08 -19.70
N ASP A 42 25.02 -16.28 -20.28
CA ASP A 42 25.89 -17.30 -19.72
C ASP A 42 27.36 -16.93 -19.88
N ASN A 43 27.76 -16.53 -21.08
CA ASN A 43 29.14 -16.17 -21.36
C ASN A 43 29.48 -14.73 -21.01
N SER A 44 28.49 -13.94 -20.56
CA SER A 44 28.74 -12.54 -20.23
C SER A 44 29.65 -12.38 -19.01
N GLY A 45 29.69 -13.39 -18.13
CA GLY A 45 30.45 -13.27 -16.90
C GLY A 45 29.66 -12.79 -15.71
N LYS A 46 28.37 -13.13 -15.64
CA LYS A 46 27.54 -12.67 -14.54
C LYS A 46 28.01 -13.24 -13.21
N SER A 47 28.40 -14.51 -13.19
CA SER A 47 28.84 -15.13 -11.95
C SER A 47 30.10 -14.46 -11.42
N THR A 48 31.07 -14.20 -12.29
CA THR A 48 32.30 -13.53 -11.85
C THR A 48 32.01 -12.11 -11.39
N PHE A 49 31.13 -11.39 -12.09
CA PHE A 49 30.77 -10.05 -11.68
C PHE A 49 30.11 -10.04 -10.31
N LEU A 50 29.21 -11.00 -10.05
CA LEU A 50 28.57 -11.10 -8.75
C LEU A 50 29.58 -11.45 -7.66
N LYS A 51 30.50 -12.38 -7.95
CA LYS A 51 31.48 -12.79 -6.96
C LYS A 51 32.47 -11.67 -6.65
N GLN A 52 32.74 -10.80 -7.62
CA GLN A 52 33.68 -9.70 -7.38
C GLN A 52 33.16 -8.75 -6.31
N MET A 53 31.86 -8.45 -6.35
CA MET A 53 31.26 -7.56 -5.36
C MET A 53 30.53 -8.37 -4.29
N LYS A 67 14.50 -23.09 -11.94
CA LYS A 67 14.51 -21.64 -11.86
C LYS A 67 14.98 -21.16 -10.49
N GLY A 68 16.26 -20.85 -10.39
CA GLY A 68 16.83 -20.37 -9.15
C GLY A 68 16.84 -18.86 -9.05
N ILE A 69 15.98 -18.32 -8.18
CA ILE A 69 15.87 -16.88 -7.99
C ILE A 69 16.78 -16.48 -6.84
N HIS A 70 17.68 -15.54 -7.10
CA HIS A 70 18.63 -15.06 -6.10
C HIS A 70 18.40 -13.58 -5.85
N GLU A 71 18.60 -13.17 -4.60
CA GLU A 71 18.48 -11.77 -4.20
C GLU A 71 19.69 -11.38 -3.39
N TYR A 72 20.45 -10.40 -3.88
CA TYR A 72 21.65 -9.90 -3.20
C TYR A 72 21.34 -8.51 -2.67
N ASP A 73 21.30 -8.37 -1.35
CA ASP A 73 20.98 -7.11 -0.70
C ASP A 73 22.25 -6.52 -0.08
N PHE A 74 22.50 -5.25 -0.35
CA PHE A 74 23.67 -4.57 0.20
C PHE A 74 23.33 -3.10 0.39
N GLU A 75 24.32 -2.35 0.87
CA GLU A 75 24.14 -0.93 1.14
C GLU A 75 25.28 -0.14 0.51
N ILE A 76 24.93 0.84 -0.32
CA ILE A 76 25.90 1.72 -0.95
C ILE A 76 25.56 3.16 -0.56
N LYS A 77 26.49 3.83 0.12
CA LYS A 77 26.33 5.21 0.56
C LYS A 77 25.02 5.41 1.33
N ASN A 78 24.80 4.51 2.29
CA ASN A 78 23.61 4.53 3.14
C ASN A 78 22.32 4.41 2.32
N VAL A 79 22.39 3.73 1.18
CA VAL A 79 21.24 3.49 0.32
C VAL A 79 21.11 1.98 0.15
N PRO A 80 19.93 1.39 0.41
CA PRO A 80 19.78 -0.06 0.31
C PRO A 80 19.51 -0.48 -1.13
N PHE A 81 20.38 -1.35 -1.66
CA PHE A 81 20.25 -1.87 -3.01
C PHE A 81 19.93 -3.36 -2.95
N LYS A 82 19.05 -3.80 -3.85
CA LYS A 82 18.68 -5.20 -3.97
C LYS A 82 18.79 -5.61 -5.43
N MET A 83 19.66 -6.57 -5.72
CA MET A 83 19.84 -7.09 -7.07
C MET A 83 19.13 -8.43 -7.18
N VAL A 84 18.24 -8.55 -8.15
CA VAL A 84 17.46 -9.76 -8.37
C VAL A 84 18.06 -10.49 -9.58
N ASP A 85 18.63 -11.66 -9.32
CA ASP A 85 19.20 -12.50 -10.37
C ASP A 85 18.20 -13.61 -10.67
N VAL A 86 17.82 -13.74 -11.93
CA VAL A 86 16.85 -14.73 -12.36
C VAL A 86 17.51 -15.68 -13.35
N GLY A 87 18.83 -15.84 -13.23
CA GLY A 87 19.55 -16.71 -14.15
C GLY A 87 19.14 -18.16 -13.98
N GLY A 88 19.09 -18.87 -15.09
CA GLY A 88 18.72 -20.28 -15.09
C GLY A 88 17.42 -20.56 -15.82
N GLN A 89 16.43 -19.70 -15.64
CA GLN A 89 15.14 -19.86 -16.31
C GLN A 89 14.39 -18.53 -16.26
N ARG A 90 14.15 -17.95 -17.43
CA ARG A 90 13.35 -16.73 -17.54
C ARG A 90 12.25 -16.97 -18.56
N SER A 91 11.01 -16.71 -18.16
CA SER A 91 9.85 -16.96 -19.01
C SER A 91 9.52 -15.73 -19.85
N GLU A 92 8.92 -15.98 -21.02
CA GLU A 92 8.51 -14.91 -21.91
C GLU A 92 7.08 -14.44 -21.65
N ARG A 93 6.36 -15.09 -20.74
CA ARG A 93 4.99 -14.68 -20.44
C ARG A 93 4.98 -13.33 -19.74
N LYS A 94 3.98 -12.51 -20.07
CA LYS A 94 3.91 -11.16 -19.51
C LYS A 94 3.61 -11.19 -18.02
N ARG A 95 2.93 -12.23 -17.53
CA ARG A 95 2.64 -12.32 -16.11
C ARG A 95 3.93 -12.45 -15.31
N TRP A 96 4.89 -13.25 -15.80
CA TRP A 96 6.17 -13.38 -15.12
C TRP A 96 6.93 -12.06 -15.10
N PHE A 97 6.93 -11.34 -16.23
CA PHE A 97 7.71 -10.11 -16.33
C PHE A 97 7.07 -8.97 -15.57
N GLU A 98 5.75 -9.00 -15.38
CA GLU A 98 5.06 -7.91 -14.69
C GLU A 98 5.44 -7.82 -13.23
N CYS A 99 6.04 -8.87 -12.66
CA CYS A 99 6.47 -8.82 -11.27
C CYS A 99 7.65 -7.88 -11.06
N PHE A 100 8.37 -7.53 -12.13
CA PHE A 100 9.54 -6.67 -12.03
C PHE A 100 9.29 -5.27 -12.57
N ASP A 101 8.02 -4.88 -12.71
CA ASP A 101 7.72 -3.54 -13.22
C ASP A 101 8.04 -2.44 -12.22
N SER A 102 8.29 -2.78 -10.96
CA SER A 102 8.58 -1.79 -9.93
C SER A 102 10.07 -1.63 -9.65
N VAL A 103 10.93 -2.35 -10.37
CA VAL A 103 12.37 -2.23 -10.13
C VAL A 103 12.87 -0.89 -10.65
N THR A 104 13.92 -0.39 -10.01
CA THR A 104 14.46 0.91 -10.42
C THR A 104 15.24 0.81 -11.72
N SER A 105 16.05 -0.25 -11.88
CA SER A 105 16.89 -0.36 -13.06
C SER A 105 16.98 -1.81 -13.51
N ILE A 106 17.29 -1.98 -14.79
CA ILE A 106 17.56 -3.29 -15.38
C ILE A 106 18.99 -3.28 -15.88
N LEU A 107 19.82 -4.17 -15.34
CA LEU A 107 21.21 -4.29 -15.71
C LEU A 107 21.37 -5.38 -16.76
N PHE A 108 22.01 -5.05 -17.88
CA PHE A 108 22.26 -5.98 -18.97
C PHE A 108 23.76 -6.11 -19.15
N LEU A 109 24.28 -7.31 -18.92
CA LEU A 109 25.70 -7.59 -18.98
C LEU A 109 26.02 -8.34 -20.26
N VAL A 110 27.03 -7.89 -20.99
CA VAL A 110 27.40 -8.46 -22.27
C VAL A 110 28.91 -8.68 -22.30
N ASP A 111 29.34 -9.55 -23.20
CA ASP A 111 30.76 -9.84 -23.42
C ASP A 111 31.21 -9.05 -24.64
N SER A 112 32.00 -7.99 -24.41
CA SER A 112 32.48 -7.16 -25.50
C SER A 112 33.42 -7.94 -26.42
N SER A 113 34.30 -8.76 -25.84
CA SER A 113 35.27 -9.49 -26.63
C SER A 113 34.64 -10.59 -27.48
N ASP A 114 33.44 -11.05 -27.11
CA ASP A 114 32.80 -12.11 -27.87
C ASP A 114 32.39 -11.62 -29.25
N PHE A 115 32.38 -12.54 -30.21
CA PHE A 115 32.08 -12.21 -31.61
C PHE A 115 30.78 -12.83 -32.07
N ASN A 116 30.63 -14.16 -31.94
CA ASN A 116 29.45 -14.84 -32.46
C ASN A 116 28.22 -14.61 -31.58
N ARG A 117 28.40 -14.27 -30.31
CA ARG A 117 27.29 -14.06 -29.39
C ARG A 117 26.78 -12.63 -29.39
N LEU A 118 27.38 -11.74 -30.19
CA LEU A 118 26.92 -10.36 -30.23
C LEU A 118 25.51 -10.24 -30.80
N THR A 119 25.21 -11.00 -31.85
CA THR A 119 23.89 -10.94 -32.46
C THR A 119 22.81 -11.44 -31.51
N GLU A 120 23.08 -12.55 -30.82
CA GLU A 120 22.09 -13.08 -29.87
C GLU A 120 21.86 -12.13 -28.72
N SER A 121 22.93 -11.52 -28.20
CA SER A 121 22.79 -10.55 -27.12
C SER A 121 22.04 -9.31 -27.59
N LEU A 122 22.28 -8.88 -28.83
CA LEU A 122 21.54 -7.75 -29.38
C LEU A 122 20.06 -8.07 -29.50
N ASN A 123 19.73 -9.30 -29.95
CA ASN A 123 18.33 -9.70 -30.03
C ASN A 123 17.69 -9.74 -28.64
N ASP A 124 18.41 -10.26 -27.65
CA ASP A 124 17.88 -10.29 -26.29
C ASP A 124 17.66 -8.89 -25.76
N PHE A 125 18.60 -7.97 -26.01
CA PHE A 125 18.45 -6.59 -25.58
C PHE A 125 17.26 -5.93 -26.25
N GLU A 126 17.07 -6.18 -27.55
CA GLU A 126 15.92 -5.62 -28.25
C GLU A 126 14.62 -6.15 -27.70
N THR A 127 14.56 -7.45 -27.40
CA THR A 127 13.33 -8.02 -26.84
C THR A 127 13.05 -7.46 -25.46
N ILE A 128 14.09 -7.28 -24.63
CA ILE A 128 13.88 -6.80 -23.27
C ILE A 128 13.45 -5.33 -23.29
N VAL A 129 14.13 -4.51 -24.08
CA VAL A 129 13.86 -3.06 -24.06
C VAL A 129 12.51 -2.75 -24.67
N ASN A 130 12.18 -3.38 -25.79
CA ASN A 130 10.94 -3.05 -26.52
C ASN A 130 9.68 -3.57 -25.83
N ASN A 131 9.74 -4.10 -24.61
CA ASN A 131 8.55 -4.55 -23.91
C ASN A 131 7.95 -3.41 -23.11
N ARG A 132 6.62 -3.29 -23.16
CA ARG A 132 5.91 -2.21 -22.48
C ARG A 132 5.95 -2.33 -20.96
N VAL A 133 6.33 -3.50 -20.43
CA VAL A 133 6.36 -3.69 -18.99
C VAL A 133 7.37 -2.75 -18.34
N PHE A 134 8.55 -2.62 -18.93
CA PHE A 134 9.64 -1.84 -18.37
C PHE A 134 9.72 -0.44 -18.96
N SER A 135 8.57 0.15 -19.31
CA SER A 135 8.56 1.49 -19.87
C SER A 135 9.04 2.54 -18.87
N ASN A 136 8.93 2.26 -17.57
CA ASN A 136 9.35 3.19 -16.53
C ASN A 136 10.62 2.72 -15.81
N VAL A 137 11.40 1.87 -16.45
CA VAL A 137 12.62 1.32 -15.86
C VAL A 137 13.80 1.71 -16.75
N SER A 138 14.83 2.29 -16.13
CA SER A 138 16.04 2.63 -16.86
C SER A 138 16.85 1.36 -17.16
N ILE A 139 17.64 1.44 -18.22
CA ILE A 139 18.46 0.31 -18.68
C ILE A 139 19.92 0.69 -18.52
N ILE A 140 20.66 -0.11 -17.75
CA ILE A 140 22.10 0.03 -17.60
C ILE A 140 22.78 -1.07 -18.40
N LEU A 141 23.83 -0.71 -19.12
CA LEU A 141 24.55 -1.65 -19.98
C LEU A 141 25.98 -1.78 -19.49
N PHE A 142 26.43 -3.02 -19.30
CA PHE A 142 27.79 -3.32 -18.91
C PHE A 142 28.45 -4.19 -19.97
N LEU A 143 29.68 -3.84 -20.34
CA LEU A 143 30.46 -4.58 -21.32
C LEU A 143 31.69 -5.14 -20.60
N ASN A 144 31.62 -6.40 -20.18
CA ASN A 144 32.68 -6.99 -19.38
C ASN A 144 33.73 -7.64 -20.28
N LYS A 145 34.83 -8.06 -19.66
CA LYS A 145 35.94 -8.71 -20.35
C LYS A 145 36.46 -7.88 -21.52
N THR A 146 36.59 -6.57 -21.28
CA THR A 146 37.07 -5.66 -22.32
C THR A 146 38.58 -5.68 -22.46
N ASP A 147 39.31 -6.33 -21.55
CA ASP A 147 40.75 -6.45 -21.70
C ASP A 147 41.13 -7.37 -22.86
N LEU A 148 40.31 -8.38 -23.12
CA LEU A 148 40.52 -9.26 -24.27
C LEU A 148 39.95 -8.67 -25.56
N LEU A 149 39.16 -7.60 -25.47
CA LEU A 149 38.55 -7.03 -26.67
C LEU A 149 39.60 -6.47 -27.62
N GLU A 150 40.62 -5.80 -27.08
CA GLU A 150 41.67 -5.26 -27.94
C GLU A 150 42.44 -6.37 -28.64
N GLU A 151 42.77 -7.45 -27.91
CA GLU A 151 43.46 -8.58 -28.53
C GLU A 151 42.60 -9.23 -29.61
N LYS A 152 41.30 -9.40 -29.32
CA LYS A 152 40.41 -10.02 -30.30
C LYS A 152 40.28 -9.16 -31.55
N VAL A 153 40.16 -7.84 -31.39
CA VAL A 153 40.02 -6.96 -32.55
C VAL A 153 41.33 -6.87 -33.31
N GLN A 154 42.47 -7.03 -32.63
CA GLN A 154 43.75 -7.06 -33.34
C GLN A 154 43.92 -8.34 -34.15
N ILE A 155 43.53 -9.47 -33.56
CA ILE A 155 43.65 -10.75 -34.27
C ILE A 155 42.66 -10.81 -35.43
N VAL A 156 41.40 -10.45 -35.17
CA VAL A 156 40.35 -10.49 -36.17
C VAL A 156 39.68 -9.13 -36.22
N SER A 157 39.51 -8.58 -37.42
CA SER A 157 38.94 -7.25 -37.58
C SER A 157 37.44 -7.28 -37.27
N ILE A 158 36.81 -6.11 -37.39
CA ILE A 158 35.40 -5.95 -37.11
C ILE A 158 34.56 -6.02 -38.38
N LYS A 159 35.05 -5.42 -39.47
CA LYS A 159 34.26 -5.35 -40.70
C LYS A 159 33.93 -6.72 -41.25
N ASP A 160 34.74 -7.74 -40.95
CA ASP A 160 34.46 -9.08 -41.42
C ASP A 160 33.16 -9.61 -40.82
N TYR A 161 32.93 -9.36 -39.53
CA TYR A 161 31.74 -9.83 -38.84
C TYR A 161 30.60 -8.83 -38.89
N PHE A 162 30.81 -7.63 -39.44
CA PHE A 162 29.77 -6.62 -39.50
C PHE A 162 29.94 -5.84 -40.79
N LEU A 163 29.07 -6.11 -41.77
CA LEU A 163 29.13 -5.41 -43.04
C LEU A 163 28.78 -3.92 -42.87
N GLU A 164 27.80 -3.62 -42.03
CA GLU A 164 27.35 -2.24 -41.84
C GLU A 164 28.36 -1.38 -41.08
N PHE A 165 29.39 -1.98 -40.50
CA PHE A 165 30.38 -1.20 -39.75
C PHE A 165 31.16 -0.28 -40.67
N GLU A 166 31.35 0.96 -40.22
CA GLU A 166 32.11 1.96 -40.97
C GLU A 166 33.16 2.56 -40.06
N GLY A 167 34.40 2.64 -40.53
CA GLY A 167 35.51 3.18 -39.80
C GLY A 167 36.70 2.26 -39.83
N ASP A 168 37.68 2.55 -38.99
CA ASP A 168 38.88 1.73 -38.92
C ASP A 168 38.59 0.46 -38.13
N PRO A 169 38.77 -0.73 -38.72
CA PRO A 169 38.48 -1.97 -37.98
C PRO A 169 39.47 -2.27 -36.87
N HIS A 170 40.63 -1.62 -36.86
CA HIS A 170 41.67 -1.88 -35.87
C HIS A 170 41.76 -0.81 -34.80
N CYS A 171 40.80 0.10 -34.74
CA CYS A 171 40.78 1.17 -33.74
C CYS A 171 39.83 0.77 -32.62
N LEU A 172 40.36 0.67 -31.40
CA LEU A 172 39.55 0.23 -30.26
C LEU A 172 38.42 1.21 -29.98
N ARG A 173 38.70 2.51 -30.04
CA ARG A 173 37.67 3.51 -29.79
C ARG A 173 36.54 3.43 -30.82
N ASP A 174 36.90 3.22 -32.09
CA ASP A 174 35.89 3.07 -33.13
C ASP A 174 35.03 1.84 -32.89
N VAL A 175 35.66 0.74 -32.49
CA VAL A 175 34.92 -0.50 -32.22
C VAL A 175 33.95 -0.29 -31.06
N GLN A 176 34.42 0.35 -29.99
CA GLN A 176 33.56 0.60 -28.83
C GLN A 176 32.39 1.51 -29.22
N LYS A 177 32.67 2.56 -30.00
CA LYS A 177 31.59 3.46 -30.43
C LYS A 177 30.58 2.71 -31.30
N PHE A 178 31.05 1.85 -32.20
CA PHE A 178 30.14 1.09 -33.05
C PHE A 178 29.29 0.13 -32.23
N LEU A 179 29.90 -0.53 -31.24
CA LEU A 179 29.14 -1.42 -30.37
C LEU A 179 28.09 -0.66 -29.58
N VAL A 180 28.44 0.51 -29.05
CA VAL A 180 27.49 1.31 -28.30
C VAL A 180 26.34 1.76 -29.20
N GLU A 181 26.65 2.20 -30.41
CA GLU A 181 25.62 2.63 -31.35
C GLU A 181 24.69 1.47 -31.71
N CYS A 182 25.25 0.29 -31.98
CA CYS A 182 24.42 -0.86 -32.31
C CYS A 182 23.53 -1.26 -31.14
N PHE A 183 24.06 -1.21 -29.91
CA PHE A 183 23.26 -1.53 -28.75
C PHE A 183 22.13 -0.51 -28.55
N ARG A 184 22.42 0.78 -28.72
CA ARG A 184 21.43 1.82 -28.51
C ARG A 184 20.41 1.91 -29.63
N ASN A 185 20.73 1.41 -30.83
CA ASN A 185 19.79 1.47 -31.94
C ASN A 185 18.56 0.59 -31.72
N LYS A 186 18.62 -0.34 -30.76
CA LYS A 186 17.49 -1.21 -30.47
C LYS A 186 16.39 -0.52 -29.68
N ARG A 187 16.64 0.68 -29.16
CA ARG A 187 15.63 1.41 -28.40
C ARG A 187 14.65 2.06 -29.37
N ARG A 188 13.43 1.53 -29.41
CA ARG A 188 12.40 2.12 -30.26
C ARG A 188 12.01 3.51 -29.80
N ASP A 189 11.91 3.71 -28.48
CA ASP A 189 11.52 4.98 -27.91
C ASP A 189 12.63 5.52 -27.03
N GLN A 190 12.91 6.82 -27.17
CA GLN A 190 13.96 7.48 -26.39
C GLN A 190 13.42 8.35 -25.27
N GLN A 191 12.15 8.74 -25.32
CA GLN A 191 11.61 9.67 -24.34
C GLN A 191 11.37 9.03 -22.97
N GLN A 192 11.18 7.70 -22.93
CA GLN A 192 10.80 7.05 -21.68
C GLN A 192 11.85 7.19 -20.59
N LYS A 193 13.02 6.58 -20.78
CA LYS A 193 14.07 6.59 -19.77
C LYS A 193 15.42 6.55 -20.46
N PRO A 194 16.47 7.09 -19.83
CA PRO A 194 17.79 7.10 -20.47
C PRO A 194 18.38 5.70 -20.54
N LEU A 195 19.26 5.52 -21.52
CA LEU A 195 20.03 4.29 -21.68
C LEU A 195 21.50 4.60 -21.47
N TYR A 196 22.15 3.84 -20.59
CA TYR A 196 23.52 4.09 -20.20
C TYR A 196 24.43 2.98 -20.72
N HIS A 197 25.73 3.14 -20.48
CA HIS A 197 26.72 2.18 -20.93
C HIS A 197 27.98 2.33 -20.09
N HIS A 198 28.78 1.27 -20.06
CA HIS A 198 30.03 1.28 -19.33
C HIS A 198 30.97 0.24 -19.94
N PHE A 199 32.26 0.41 -19.70
CA PHE A 199 33.30 -0.50 -20.17
C PHE A 199 34.20 -0.85 -19.00
N THR A 200 34.10 -2.09 -18.52
CA THR A 200 34.86 -2.54 -17.36
C THR A 200 35.46 -3.91 -17.65
N THR A 201 36.56 -4.20 -16.95
CA THR A 201 37.26 -5.46 -17.09
C THR A 201 36.70 -6.47 -16.09
N ALA A 202 37.32 -7.65 -16.01
CA ALA A 202 36.91 -8.68 -15.08
C ALA A 202 37.66 -8.62 -13.76
N ILE A 203 38.57 -7.68 -13.60
CA ILE A 203 39.36 -7.53 -12.38
C ILE A 203 39.11 -6.22 -11.66
N ASN A 204 38.46 -5.25 -12.29
CA ASN A 204 38.20 -3.97 -11.64
C ASN A 204 37.14 -4.12 -10.57
N THR A 205 37.18 -3.20 -9.60
CA THR A 205 36.26 -3.20 -8.46
C THR A 205 35.65 -1.82 -8.27
N GLU A 206 35.17 -1.22 -9.36
CA GLU A 206 34.57 0.11 -9.31
C GLU A 206 33.19 0.14 -9.96
N ASN A 207 32.55 -1.02 -10.13
CA ASN A 207 31.22 -1.04 -10.76
C ASN A 207 30.14 -0.54 -9.81
N ALA A 208 30.36 -0.64 -8.50
CA ALA A 208 29.36 -0.16 -7.54
C ALA A 208 29.17 1.34 -7.64
N ARG A 209 30.26 2.09 -7.82
CA ARG A 209 30.14 3.54 -7.96
C ARG A 209 29.36 3.90 -9.22
N LEU A 210 29.62 3.19 -10.33
CA LEU A 210 28.87 3.43 -11.55
C LEU A 210 27.39 3.12 -11.37
N ILE A 211 27.08 2.01 -10.69
CA ILE A 211 25.69 1.64 -10.45
C ILE A 211 25.00 2.71 -9.61
N PHE A 212 25.67 3.20 -8.56
CA PHE A 212 25.09 4.24 -7.73
C PHE A 212 24.87 5.53 -8.52
N ARG A 213 25.83 5.90 -9.37
CA ARG A 213 25.68 7.10 -10.19
C ARG A 213 24.51 6.98 -11.15
N ASP A 214 24.35 5.80 -11.77
CA ASP A 214 23.24 5.61 -12.69
C ASP A 214 21.90 5.62 -11.95
N VAL A 215 21.87 5.05 -10.74
CA VAL A 215 20.66 5.09 -9.94
C VAL A 215 20.30 6.52 -9.56
N LYS A 216 21.31 7.32 -9.21
CA LYS A 216 21.07 8.73 -8.90
C LYS A 216 20.55 9.48 -10.12
N ASP A 217 21.11 9.18 -11.30
CA ASP A 217 20.62 9.83 -12.52
C ASP A 217 19.18 9.44 -12.81
N THR A 218 18.82 8.17 -12.62
CA THR A 218 17.44 7.74 -12.81
C THR A 218 16.51 8.43 -11.83
N ILE A 219 16.93 8.58 -10.57
CA ILE A 219 16.12 9.26 -9.57
C ILE A 219 15.95 10.73 -9.94
N LEU A 220 17.01 11.37 -10.44
CA LEU A 220 16.91 12.76 -10.89
C LEU A 220 15.94 12.89 -12.04
N HIS A 221 15.98 11.95 -12.99
CA HIS A 221 15.02 11.97 -14.08
C HIS A 221 13.59 11.81 -13.58
N ASP A 222 13.38 10.91 -12.61
CA ASP A 222 12.06 10.74 -12.01
C ASP A 222 11.57 12.02 -11.36
N ASN A 223 12.46 12.70 -10.62
CA ASN A 223 12.07 13.95 -9.97
C ASN A 223 11.79 15.04 -11.00
N LEU A 224 12.55 15.07 -12.10
CA LEU A 224 12.28 16.03 -13.17
C LEU A 224 10.91 15.81 -13.78
N LYS A 225 10.57 14.54 -14.05
CA LYS A 225 9.24 14.23 -14.59
C LYS A 225 8.15 14.57 -13.58
N GLN A 226 8.41 14.36 -12.29
CA GLN A 226 7.43 14.69 -11.26
C GLN A 226 7.21 16.19 -11.14
N LEU A 227 8.27 16.99 -11.33
CA LEU A 227 8.18 18.44 -11.22
C LEU A 227 7.43 19.07 -12.38
N MET A 228 7.09 18.30 -13.41
CA MET A 228 6.43 18.78 -14.64
C MET A 228 7.09 20.06 -15.16
N LEU A 229 8.41 20.04 -15.23
CA LEU A 229 9.18 21.17 -15.76
C LEU A 229 9.03 21.31 -17.27
N GLN A 230 8.52 20.29 -17.96
CA GLN A 230 8.36 20.35 -19.40
C GLN A 230 7.08 19.64 -19.84
N ALA B 44 -24.93 -30.07 -30.60
CA ALA B 44 -25.54 -28.80 -30.23
C ALA B 44 -26.85 -28.58 -30.98
N ASP B 45 -27.93 -28.38 -30.24
CA ASP B 45 -29.24 -28.15 -30.83
C ASP B 45 -29.78 -26.76 -30.53
N ALA B 46 -29.79 -26.35 -29.27
CA ALA B 46 -30.31 -25.05 -28.87
C ALA B 46 -29.25 -24.31 -28.05
N THR B 47 -29.02 -23.05 -28.41
CA THR B 47 -28.05 -22.23 -27.71
C THR B 47 -28.57 -21.86 -26.32
N LEU B 48 -27.64 -21.54 -25.42
CA LEU B 48 -28.01 -21.14 -24.07
C LEU B 48 -28.83 -19.87 -24.07
N SER B 49 -28.47 -18.91 -24.93
CA SER B 49 -29.22 -17.65 -25.01
C SER B 49 -30.65 -17.90 -25.46
N GLN B 50 -30.85 -18.81 -26.41
CA GLN B 50 -32.20 -19.10 -26.89
C GLN B 50 -33.09 -19.62 -25.77
N ILE B 51 -32.57 -20.53 -24.94
CA ILE B 51 -33.35 -21.07 -23.84
C ILE B 51 -33.56 -20.02 -22.76
N THR B 52 -32.54 -19.22 -22.47
CA THR B 52 -32.62 -18.25 -21.38
C THR B 52 -33.30 -16.95 -21.76
N ASN B 53 -33.69 -16.78 -23.04
CA ASN B 53 -34.39 -15.57 -23.44
C ASN B 53 -35.68 -15.36 -22.66
N ASN B 54 -36.32 -16.45 -22.21
CA ASN B 54 -37.57 -16.33 -21.47
C ASN B 54 -37.37 -15.90 -20.02
N ILE B 55 -36.14 -15.88 -19.54
CA ILE B 55 -35.87 -15.51 -18.15
C ILE B 55 -35.82 -13.99 -18.04
N ASP B 56 -36.43 -13.47 -16.98
CA ASP B 56 -36.44 -12.03 -16.75
C ASP B 56 -35.04 -11.54 -16.40
N PRO B 57 -34.65 -10.36 -16.87
CA PRO B 57 -33.32 -9.82 -16.52
C PRO B 57 -33.21 -9.53 -15.03
N VAL B 58 -31.99 -9.68 -14.52
CA VAL B 58 -31.74 -9.42 -13.11
C VAL B 58 -31.86 -7.93 -12.81
N GLY B 59 -31.28 -7.09 -13.66
CA GLY B 59 -31.24 -5.66 -13.43
C GLY B 59 -29.93 -5.24 -12.79
N ARG B 60 -29.78 -3.92 -12.65
CA ARG B 60 -28.57 -3.36 -12.07
C ARG B 60 -28.51 -3.62 -10.57
N ILE B 61 -27.35 -4.08 -10.10
CA ILE B 61 -27.12 -4.31 -8.68
C ILE B 61 -25.99 -3.40 -8.23
N GLN B 62 -26.21 -2.67 -7.14
CA GLN B 62 -25.22 -1.76 -6.56
C GLN B 62 -24.67 -2.41 -5.30
N MET B 63 -23.39 -2.74 -5.32
CA MET B 63 -22.70 -3.33 -4.18
C MET B 63 -21.71 -2.30 -3.63
N ARG B 64 -21.84 -1.98 -2.34
CA ARG B 64 -21.06 -0.93 -1.72
C ARG B 64 -19.97 -1.52 -0.83
N THR B 65 -18.89 -0.77 -0.68
CA THR B 65 -17.77 -1.16 0.18
C THR B 65 -18.20 -1.00 1.63
N ARG B 66 -18.50 -2.12 2.29
CA ARG B 66 -18.86 -2.06 3.70
C ARG B 66 -17.66 -1.68 4.57
N ARG B 67 -16.51 -2.28 4.30
CA ARG B 67 -15.28 -1.96 5.03
C ARG B 67 -14.11 -2.12 4.08
N THR B 68 -13.05 -1.36 4.35
CA THR B 68 -11.84 -1.39 3.54
C THR B 68 -10.68 -1.88 4.40
N LEU B 69 -9.98 -2.91 3.92
CA LEU B 69 -8.87 -3.51 4.63
C LEU B 69 -7.57 -2.91 4.10
N ARG B 70 -6.80 -2.28 5.00
CA ARG B 70 -5.56 -1.62 4.63
C ARG B 70 -4.48 -1.95 5.64
N GLY B 71 -3.23 -1.77 5.21
CA GLY B 71 -2.09 -2.03 6.07
C GLY B 71 -0.91 -2.62 5.32
N HIS B 72 -1.17 -3.20 4.16
CA HIS B 72 -0.11 -3.76 3.32
C HIS B 72 0.63 -2.64 2.58
N LEU B 73 1.90 -2.90 2.28
CA LEU B 73 2.80 -1.89 1.74
C LEU B 73 3.16 -2.11 0.28
N ALA B 74 2.51 -3.04 -0.41
CA ALA B 74 2.82 -3.32 -1.80
C ALA B 74 1.58 -3.89 -2.48
N LYS B 75 1.75 -4.34 -3.72
CA LYS B 75 0.63 -4.85 -4.51
C LYS B 75 0.09 -6.14 -3.91
N ILE B 76 -1.23 -6.29 -3.96
CA ILE B 76 -1.91 -7.49 -3.50
C ILE B 76 -2.02 -8.47 -4.67
N TYR B 77 -1.55 -9.69 -4.47
CA TYR B 77 -1.55 -10.66 -5.57
C TYR B 77 -2.58 -11.77 -5.43
N ALA B 78 -3.00 -12.12 -4.21
CA ALA B 78 -3.96 -13.20 -4.06
C ALA B 78 -4.66 -13.08 -2.72
N MET B 79 -5.84 -13.70 -2.64
CA MET B 79 -6.56 -13.82 -1.40
C MET B 79 -7.39 -15.10 -1.44
N HIS B 80 -7.76 -15.59 -0.26
CA HIS B 80 -8.64 -16.74 -0.14
C HIS B 80 -9.62 -16.53 1.00
N TRP B 81 -10.85 -16.96 0.80
CA TRP B 81 -11.89 -16.84 1.80
C TRP B 81 -11.90 -18.07 2.71
N GLY B 82 -11.84 -17.85 4.02
CA GLY B 82 -11.91 -18.94 4.96
C GLY B 82 -13.29 -19.56 5.02
N THR B 83 -13.34 -20.78 5.57
CA THR B 83 -14.61 -21.51 5.64
C THR B 83 -15.60 -20.87 6.61
N ASP B 84 -15.12 -20.04 7.53
CA ASP B 84 -16.00 -19.36 8.48
C ASP B 84 -16.64 -18.11 7.91
N SER B 85 -16.28 -17.72 6.68
CA SER B 85 -16.83 -16.54 6.01
C SER B 85 -16.55 -15.24 6.77
N ARG B 86 -15.56 -15.26 7.66
CA ARG B 86 -15.22 -14.08 8.43
C ARG B 86 -13.72 -13.82 8.40
N LEU B 87 -12.93 -14.87 8.17
CA LEU B 87 -11.48 -14.77 8.14
C LEU B 87 -10.99 -14.97 6.71
N LEU B 88 -10.12 -14.06 6.26
CA LEU B 88 -9.56 -14.12 4.92
C LEU B 88 -8.06 -13.88 5.00
N VAL B 89 -7.32 -14.56 4.12
CA VAL B 89 -5.87 -14.45 4.06
C VAL B 89 -5.49 -13.83 2.72
N SER B 90 -4.55 -12.89 2.75
CA SER B 90 -4.13 -12.17 1.56
C SER B 90 -2.61 -12.10 1.50
N ALA B 91 -2.08 -12.11 0.27
CA ALA B 91 -0.65 -12.08 0.02
C ALA B 91 -0.27 -10.79 -0.70
N SER B 92 0.79 -10.14 -0.22
CA SER B 92 1.28 -8.91 -0.81
C SER B 92 2.76 -9.05 -1.13
N GLN B 93 3.14 -8.51 -2.30
CA GLN B 93 4.46 -8.65 -2.91
C GLN B 93 5.57 -8.00 -2.10
N ASP B 94 5.27 -7.37 -0.97
CA ASP B 94 6.30 -6.98 -0.03
C ASP B 94 6.71 -8.14 0.87
N GLY B 95 6.43 -9.37 0.44
CA GLY B 95 6.68 -10.55 1.23
C GLY B 95 5.84 -10.65 2.48
N LYS B 96 4.54 -10.36 2.37
CA LYS B 96 3.68 -10.34 3.55
C LYS B 96 2.44 -11.20 3.33
N LEU B 97 2.00 -11.86 4.39
CA LEU B 97 0.73 -12.58 4.40
C LEU B 97 -0.07 -12.07 5.59
N ILE B 98 -1.33 -11.71 5.37
CA ILE B 98 -2.15 -11.15 6.43
C ILE B 98 -3.49 -11.87 6.47
N ILE B 99 -3.83 -12.40 7.64
CA ILE B 99 -5.16 -12.94 7.92
C ILE B 99 -5.93 -11.90 8.72
N TRP B 100 -7.11 -11.56 8.24
CA TRP B 100 -7.91 -10.46 8.77
C TRP B 100 -9.16 -10.99 9.46
N ASP B 101 -9.89 -10.06 10.07
CA ASP B 101 -11.24 -10.30 10.56
C ASP B 101 -12.17 -9.40 9.73
N SER B 102 -12.78 -10.00 8.71
CA SER B 102 -13.53 -9.21 7.72
C SER B 102 -14.74 -8.51 8.32
N TYR B 103 -15.25 -8.99 9.46
CA TYR B 103 -16.43 -8.36 10.05
C TYR B 103 -16.09 -7.05 10.73
N THR B 104 -14.92 -6.96 11.37
CA THR B 104 -14.53 -5.79 12.13
C THR B 104 -13.24 -5.14 11.62
N THR B 105 -12.72 -5.58 10.48
CA THR B 105 -11.47 -5.06 9.92
C THR B 105 -10.34 -5.14 10.95
N ASN B 106 -10.17 -6.33 11.52
CA ASN B 106 -9.22 -6.58 12.58
C ASN B 106 -8.10 -7.47 12.06
N LYS B 107 -6.85 -7.05 12.27
CA LYS B 107 -5.69 -7.82 11.84
C LYS B 107 -5.40 -8.88 12.88
N VAL B 108 -5.76 -10.13 12.59
CA VAL B 108 -5.49 -11.21 13.52
C VAL B 108 -4.12 -11.82 13.32
N HIS B 109 -3.67 -12.00 12.07
CA HIS B 109 -2.37 -12.62 11.84
C HIS B 109 -1.59 -11.86 10.78
N ALA B 110 -0.28 -11.73 11.01
CA ALA B 110 0.63 -11.11 10.06
C ALA B 110 1.92 -11.93 10.02
N ILE B 111 2.16 -12.60 8.90
CA ILE B 111 3.26 -13.54 8.74
C ILE B 111 4.22 -13.01 7.68
N PRO B 112 5.49 -12.79 8.00
CA PRO B 112 6.48 -12.52 6.95
C PRO B 112 6.77 -13.78 6.16
N LEU B 113 7.23 -13.57 4.92
CA LEU B 113 7.48 -14.66 4.00
C LEU B 113 8.96 -14.71 3.63
N ARG B 114 9.46 -15.93 3.39
CA ARG B 114 10.85 -16.10 3.02
C ARG B 114 11.17 -15.44 1.68
N SER B 115 10.27 -15.59 0.71
CA SER B 115 10.45 -15.02 -0.62
C SER B 115 9.37 -13.95 -0.84
N SER B 116 9.81 -12.75 -1.24
CA SER B 116 8.88 -11.66 -1.47
C SER B 116 8.00 -11.92 -2.69
N TRP B 117 8.53 -12.58 -3.72
CA TRP B 117 7.81 -12.81 -4.96
C TRP B 117 6.85 -13.98 -4.77
N VAL B 118 5.69 -13.67 -4.18
CA VAL B 118 4.64 -14.64 -3.94
C VAL B 118 3.45 -14.28 -4.83
N MET B 119 2.85 -15.31 -5.44
CA MET B 119 1.77 -15.11 -6.39
C MET B 119 0.43 -15.65 -5.93
N THR B 120 0.41 -16.59 -4.99
CA THR B 120 -0.84 -17.22 -4.55
C THR B 120 -0.82 -17.45 -3.05
N CYS B 121 -2.01 -17.65 -2.50
CA CYS B 121 -2.19 -18.01 -1.10
C CYS B 121 -3.45 -18.85 -0.99
N ALA B 122 -3.57 -19.58 0.12
CA ALA B 122 -4.70 -20.48 0.29
C ALA B 122 -5.03 -20.62 1.77
N TYR B 123 -6.23 -21.11 2.04
CA TYR B 123 -6.73 -21.33 3.39
C TYR B 123 -7.23 -22.77 3.49
N ALA B 124 -6.81 -23.48 4.53
CA ALA B 124 -7.25 -24.85 4.72
C ALA B 124 -8.74 -24.88 5.06
N PRO B 125 -9.48 -25.87 4.56
CA PRO B 125 -10.92 -25.95 4.90
C PRO B 125 -11.18 -26.06 6.39
N SER B 126 -10.31 -26.78 7.12
CA SER B 126 -10.48 -26.89 8.56
C SER B 126 -10.01 -25.64 9.30
N GLY B 127 -9.19 -24.80 8.67
CA GLY B 127 -8.79 -23.54 9.25
C GLY B 127 -7.56 -23.57 10.12
N ASN B 128 -6.71 -24.59 10.00
CA ASN B 128 -5.50 -24.66 10.80
C ASN B 128 -4.24 -24.25 10.05
N TYR B 129 -4.22 -24.40 8.73
CA TYR B 129 -3.03 -24.14 7.93
C TYR B 129 -3.34 -23.17 6.79
N VAL B 130 -2.32 -22.42 6.39
CA VAL B 130 -2.41 -21.53 5.24
C VAL B 130 -1.26 -21.83 4.29
N ALA B 131 -1.56 -21.82 2.99
CA ALA B 131 -0.57 -22.12 1.97
C ALA B 131 -0.13 -20.87 1.24
N CYS B 132 1.10 -20.88 0.75
CA CYS B 132 1.62 -19.77 -0.04
C CYS B 132 2.65 -20.31 -1.03
N GLY B 133 2.89 -19.55 -2.08
CA GLY B 133 3.85 -19.95 -3.10
C GLY B 133 4.11 -18.81 -4.06
N GLY B 134 5.15 -18.98 -4.87
CA GLY B 134 5.52 -17.95 -5.82
C GLY B 134 6.70 -18.29 -6.71
N LEU B 135 7.62 -17.32 -6.87
CA LEU B 135 8.75 -17.48 -7.77
C LEU B 135 9.85 -18.38 -7.22
N ASP B 136 9.76 -18.80 -5.97
CA ASP B 136 10.78 -19.64 -5.35
C ASP B 136 10.57 -21.13 -5.60
N ASN B 137 9.57 -21.49 -6.41
CA ASN B 137 9.30 -22.89 -6.77
C ASN B 137 9.05 -23.75 -5.54
N ILE B 138 8.49 -23.16 -4.49
CA ILE B 138 8.28 -23.85 -3.21
C ILE B 138 6.92 -23.48 -2.66
N CYS B 139 6.19 -24.48 -2.17
CA CYS B 139 4.90 -24.26 -1.52
C CYS B 139 5.09 -24.33 -0.02
N SER B 140 4.84 -23.22 0.67
CA SER B 140 5.01 -23.15 2.11
C SER B 140 3.67 -23.30 2.80
N ILE B 141 3.60 -24.23 3.75
CA ILE B 141 2.41 -24.46 4.57
C ILE B 141 2.73 -24.00 5.98
N TYR B 142 1.93 -23.04 6.48
CA TYR B 142 2.09 -22.44 7.79
C TYR B 142 0.98 -22.93 8.70
N ASN B 143 1.35 -23.28 9.95
CA ASN B 143 0.41 -23.75 10.96
C ASN B 143 0.09 -22.61 11.92
N LEU B 144 -1.20 -22.32 12.09
CA LEU B 144 -1.64 -21.19 12.90
C LEU B 144 -1.99 -21.55 14.33
N LYS B 145 -1.98 -22.83 14.69
CA LYS B 145 -2.42 -23.28 16.00
C LYS B 145 -1.27 -23.88 16.80
N THR B 146 -0.11 -23.24 16.75
CA THR B 146 1.02 -23.69 17.55
C THR B 146 0.80 -23.36 19.02
N ARG B 147 1.24 -24.27 19.90
CA ARG B 147 1.15 -24.02 21.33
C ARG B 147 2.11 -22.93 21.78
N GLU B 148 3.11 -22.60 20.97
CA GLU B 148 4.03 -21.51 21.30
C GLU B 148 3.33 -20.15 21.29
N GLY B 149 2.23 -20.02 20.55
CA GLY B 149 1.51 -18.78 20.45
C GLY B 149 1.74 -18.00 19.17
N ASN B 150 2.70 -18.43 18.35
CA ASN B 150 3.01 -17.80 17.08
C ASN B 150 2.60 -18.71 15.93
N VAL B 151 2.90 -18.27 14.71
CA VAL B 151 2.65 -19.06 13.51
C VAL B 151 3.99 -19.36 12.85
N ARG B 152 4.24 -20.64 12.62
CA ARG B 152 5.49 -21.10 12.02
C ARG B 152 5.17 -21.96 10.80
N VAL B 153 6.13 -22.05 9.89
CA VAL B 153 5.93 -22.82 8.67
C VAL B 153 5.87 -24.31 9.03
N SER B 154 4.74 -24.94 8.75
CA SER B 154 4.59 -26.36 9.02
C SER B 154 5.44 -27.19 8.08
N ARG B 155 5.46 -26.84 6.80
CA ARG B 155 6.24 -27.60 5.83
C ARG B 155 6.64 -26.70 4.66
N GLU B 156 7.69 -27.14 3.96
CA GLU B 156 8.25 -26.43 2.81
C GLU B 156 8.34 -27.44 1.65
N LEU B 157 7.25 -27.61 0.92
CA LEU B 157 7.20 -28.57 -0.17
C LEU B 157 7.96 -28.05 -1.38
N ALA B 158 8.85 -28.88 -1.91
CA ALA B 158 9.64 -28.54 -3.08
C ALA B 158 9.65 -29.72 -4.05
N GLY B 159 9.90 -29.42 -5.31
CA GLY B 159 9.93 -30.45 -6.34
C GLY B 159 9.38 -29.99 -7.68
N HIS B 160 8.82 -28.79 -7.73
CA HIS B 160 8.31 -28.23 -8.97
C HIS B 160 9.43 -27.48 -9.68
N THR B 161 9.60 -27.76 -10.97
CA THR B 161 10.68 -27.15 -11.73
C THR B 161 10.50 -25.64 -11.84
N GLY B 162 9.29 -25.18 -12.14
CA GLY B 162 9.01 -23.77 -12.32
C GLY B 162 8.36 -23.14 -11.09
N TYR B 163 7.98 -21.88 -11.25
CA TYR B 163 7.34 -21.15 -10.18
C TYR B 163 5.94 -21.68 -9.92
N LEU B 164 5.53 -21.64 -8.65
CA LEU B 164 4.20 -22.07 -8.27
C LEU B 164 3.18 -21.00 -8.63
N SER B 165 2.11 -21.39 -9.32
CA SER B 165 1.13 -20.45 -9.81
C SER B 165 -0.26 -20.62 -9.19
N CYS B 166 -0.49 -21.67 -8.41
CA CYS B 166 -1.77 -21.88 -7.74
C CYS B 166 -1.63 -23.01 -6.74
N CYS B 167 -2.20 -22.82 -5.55
CA CYS B 167 -2.25 -23.86 -4.52
C CYS B 167 -3.63 -23.84 -3.89
N ARG B 168 -4.26 -25.02 -3.82
CA ARG B 168 -5.59 -25.14 -3.23
C ARG B 168 -5.63 -26.40 -2.39
N PHE B 169 -5.99 -26.26 -1.11
CA PHE B 169 -6.03 -27.40 -0.20
C PHE B 169 -7.14 -28.37 -0.58
N LEU B 170 -6.84 -29.66 -0.47
CA LEU B 170 -7.84 -30.71 -0.61
C LEU B 170 -8.38 -31.17 0.73
N ASP B 171 -7.50 -31.34 1.72
CA ASP B 171 -7.88 -31.66 3.08
C ASP B 171 -6.74 -31.23 3.99
N ASP B 172 -6.79 -31.63 5.26
CA ASP B 172 -5.75 -31.25 6.21
C ASP B 172 -4.39 -31.85 5.88
N ASN B 173 -4.35 -32.91 5.07
CA ASN B 173 -3.11 -33.60 4.76
C ASN B 173 -2.91 -33.77 3.26
N GLN B 174 -3.49 -32.88 2.46
CA GLN B 174 -3.32 -32.93 1.01
C GLN B 174 -3.44 -31.53 0.44
N ILE B 175 -2.84 -31.34 -0.73
CA ILE B 175 -2.90 -30.06 -1.42
C ILE B 175 -2.62 -30.31 -2.91
N VAL B 176 -3.26 -29.51 -3.76
CA VAL B 176 -3.06 -29.57 -5.20
C VAL B 176 -2.39 -28.28 -5.64
N THR B 177 -1.29 -28.40 -6.39
CA THR B 177 -0.53 -27.26 -6.84
C THR B 177 -0.35 -27.32 -8.35
N SER B 178 -0.09 -26.16 -8.95
CA SER B 178 0.24 -26.06 -10.37
C SER B 178 1.45 -25.16 -10.53
N SER B 179 2.26 -25.44 -11.56
CA SER B 179 3.51 -24.71 -11.71
C SER B 179 3.67 -24.20 -13.14
N GLY B 180 4.69 -23.36 -13.31
CA GLY B 180 5.07 -22.84 -14.61
C GLY B 180 5.85 -23.80 -15.48
N ASP B 181 6.18 -24.98 -14.95
CA ASP B 181 6.76 -26.06 -15.73
C ASP B 181 5.71 -26.89 -16.45
N THR B 182 4.52 -26.32 -16.66
CA THR B 182 3.45 -26.94 -17.43
C THR B 182 3.00 -28.27 -16.82
N THR B 183 2.85 -28.31 -15.50
CA THR B 183 2.29 -29.49 -14.86
C THR B 183 1.70 -29.11 -13.51
N CYS B 184 0.83 -29.99 -13.02
CA CYS B 184 0.25 -29.89 -11.69
C CYS B 184 0.72 -31.08 -10.86
N ALA B 185 0.49 -31.01 -9.55
CA ALA B 185 0.94 -32.06 -8.66
C ALA B 185 0.01 -32.15 -7.45
N LEU B 186 -0.02 -33.33 -6.85
CA LEU B 186 -0.75 -33.59 -5.62
C LEU B 186 0.24 -33.95 -4.53
N TRP B 187 0.14 -33.28 -3.39
CA TRP B 187 1.09 -33.45 -2.30
C TRP B 187 0.35 -33.84 -1.03
N ASP B 188 0.97 -34.69 -0.22
CA ASP B 188 0.55 -34.91 1.16
C ASP B 188 1.57 -34.23 2.07
N ILE B 189 1.08 -33.47 3.04
CA ILE B 189 1.97 -32.73 3.92
C ILE B 189 2.56 -33.58 5.03
N GLU B 190 2.10 -34.83 5.16
CA GLU B 190 2.71 -35.74 6.13
C GLU B 190 4.14 -36.09 5.72
N THR B 191 4.36 -36.35 4.44
CA THR B 191 5.69 -36.71 3.93
C THR B 191 6.25 -35.69 2.96
N GLY B 192 5.42 -35.16 2.05
CA GLY B 192 5.88 -34.17 1.09
C GLY B 192 6.17 -34.69 -0.30
N GLN B 193 5.93 -35.98 -0.56
CA GLN B 193 6.22 -36.56 -1.85
C GLN B 193 5.06 -36.35 -2.81
N GLN B 194 5.38 -36.24 -4.10
CA GLN B 194 4.38 -36.05 -5.15
C GLN B 194 3.59 -37.35 -5.31
N THR B 195 2.36 -37.37 -4.79
CA THR B 195 1.52 -38.55 -4.94
C THR B 195 1.17 -38.80 -6.40
N THR B 196 0.79 -37.75 -7.12
CA THR B 196 0.45 -37.87 -8.53
C THR B 196 0.79 -36.57 -9.24
N THR B 197 1.47 -36.68 -10.38
CA THR B 197 1.84 -35.52 -11.19
C THR B 197 1.00 -35.52 -12.45
N PHE B 198 0.25 -34.44 -12.65
CA PHE B 198 -0.63 -34.29 -13.81
C PHE B 198 0.13 -33.53 -14.90
N THR B 199 0.40 -34.21 -16.00
CA THR B 199 1.12 -33.65 -17.14
C THR B 199 0.26 -33.71 -18.38
N GLY B 200 0.55 -32.82 -19.32
CA GLY B 200 -0.20 -32.76 -20.57
C GLY B 200 -0.39 -31.33 -21.05
N HIS B 201 -0.26 -30.38 -20.14
CA HIS B 201 -0.34 -28.97 -20.51
C HIS B 201 0.89 -28.56 -21.30
N THR B 202 0.67 -27.78 -22.36
CA THR B 202 1.76 -27.28 -23.19
C THR B 202 2.32 -25.98 -22.64
N GLY B 203 1.45 -25.03 -22.29
CA GLY B 203 1.88 -23.78 -21.70
C GLY B 203 1.85 -23.80 -20.19
N ASP B 204 2.27 -22.68 -19.60
CA ASP B 204 2.32 -22.57 -18.14
C ASP B 204 0.91 -22.56 -17.57
N VAL B 205 0.70 -23.34 -16.51
CA VAL B 205 -0.58 -23.37 -15.81
C VAL B 205 -0.71 -22.10 -14.99
N MET B 206 -1.88 -21.46 -15.05
CA MET B 206 -2.09 -20.17 -14.41
C MET B 206 -2.98 -20.23 -13.19
N SER B 207 -4.15 -20.87 -13.30
CA SER B 207 -5.09 -20.93 -12.19
C SER B 207 -5.64 -22.34 -12.04
N LEU B 208 -6.06 -22.68 -10.83
CA LEU B 208 -6.57 -24.00 -10.51
C LEU B 208 -7.72 -23.87 -9.53
N SER B 209 -8.79 -24.64 -9.77
CA SER B 209 -9.97 -24.65 -8.91
C SER B 209 -10.39 -26.09 -8.64
N LEU B 210 -10.95 -26.32 -7.47
CA LEU B 210 -11.32 -27.64 -7.02
C LEU B 210 -12.84 -27.80 -6.97
N ALA B 211 -13.31 -29.00 -7.27
CA ALA B 211 -14.74 -29.30 -7.26
C ALA B 211 -15.26 -29.34 -5.82
N PRO B 212 -16.56 -29.09 -5.64
CA PRO B 212 -17.13 -29.18 -4.28
C PRO B 212 -16.96 -30.56 -3.64
N ASP B 213 -17.03 -31.63 -4.43
CA ASP B 213 -16.85 -32.97 -3.90
C ASP B 213 -15.39 -33.34 -3.66
N THR B 214 -14.46 -32.48 -4.07
CA THR B 214 -13.03 -32.70 -3.86
C THR B 214 -12.57 -34.02 -4.47
N ARG B 215 -13.13 -34.36 -5.63
CA ARG B 215 -12.75 -35.57 -6.36
C ARG B 215 -12.17 -35.29 -7.73
N LEU B 216 -12.53 -34.17 -8.36
CA LEU B 216 -11.98 -33.76 -9.64
C LEU B 216 -11.61 -32.28 -9.55
N PHE B 217 -10.88 -31.80 -10.55
CA PHE B 217 -10.58 -30.37 -10.62
C PHE B 217 -10.32 -30.00 -12.07
N VAL B 218 -10.17 -28.69 -12.31
CA VAL B 218 -9.92 -28.16 -13.64
C VAL B 218 -8.79 -27.14 -13.54
N SER B 219 -7.98 -27.09 -14.60
CA SER B 219 -6.84 -26.18 -14.64
C SER B 219 -6.76 -25.51 -16.00
N GLY B 220 -6.42 -24.22 -15.99
CA GLY B 220 -6.22 -23.46 -17.21
C GLY B 220 -4.76 -23.09 -17.37
N ALA B 221 -4.30 -23.06 -18.61
CA ALA B 221 -2.90 -22.77 -18.88
C ALA B 221 -2.75 -21.72 -19.99
N CYS B 222 -1.51 -21.51 -20.44
CA CYS B 222 -1.22 -20.51 -21.46
C CYS B 222 -1.37 -21.06 -22.88
N ASP B 223 -1.72 -22.34 -23.02
CA ASP B 223 -1.92 -22.94 -24.34
C ASP B 223 -3.34 -22.75 -24.86
N ALA B 224 -4.09 -21.79 -24.30
CA ALA B 224 -5.47 -21.51 -24.69
C ALA B 224 -6.35 -22.75 -24.58
N SER B 225 -6.15 -23.52 -23.51
CA SER B 225 -6.95 -24.72 -23.29
C SER B 225 -7.10 -24.95 -21.79
N ALA B 226 -8.16 -25.65 -21.43
CA ALA B 226 -8.44 -26.01 -20.05
C ALA B 226 -8.61 -27.53 -19.95
N LYS B 227 -8.01 -28.11 -18.92
CA LYS B 227 -7.98 -29.56 -18.74
C LYS B 227 -8.67 -29.93 -17.44
N LEU B 228 -9.53 -30.94 -17.50
CA LEU B 228 -10.21 -31.48 -16.33
C LEU B 228 -9.49 -32.74 -15.88
N TRP B 229 -8.95 -32.72 -14.67
CA TRP B 229 -8.17 -33.82 -14.12
C TRP B 229 -8.92 -34.50 -12.99
N ASP B 230 -8.64 -35.78 -12.79
CA ASP B 230 -9.20 -36.58 -11.72
C ASP B 230 -8.15 -36.83 -10.66
N VAL B 231 -8.49 -36.56 -9.40
CA VAL B 231 -7.52 -36.72 -8.31
C VAL B 231 -7.19 -38.19 -8.11
N ARG B 232 -8.21 -39.05 -8.06
CA ARG B 232 -7.98 -40.45 -7.75
C ARG B 232 -7.33 -41.18 -8.93
N GLU B 233 -7.73 -40.86 -10.15
CA GLU B 233 -7.20 -41.56 -11.32
C GLU B 233 -5.79 -41.06 -11.65
N GLY B 234 -5.67 -39.80 -12.04
CA GLY B 234 -4.37 -39.20 -12.28
C GLY B 234 -4.05 -38.82 -13.72
N MET B 235 -5.01 -38.92 -14.65
CA MET B 235 -4.80 -38.45 -16.01
C MET B 235 -5.99 -37.61 -16.44
N CYS B 236 -5.75 -36.76 -17.43
CA CYS B 236 -6.79 -35.90 -17.96
C CYS B 236 -7.87 -36.70 -18.67
N ARG B 237 -9.11 -36.26 -18.52
CA ARG B 237 -10.26 -36.85 -19.21
C ARG B 237 -10.89 -35.93 -20.24
N GLN B 238 -10.98 -34.63 -19.95
CA GLN B 238 -11.59 -33.67 -20.86
C GLN B 238 -10.65 -32.50 -21.09
N THR B 239 -10.57 -32.06 -22.34
CA THR B 239 -9.78 -30.90 -22.73
C THR B 239 -10.62 -29.99 -23.61
N PHE B 240 -10.60 -28.69 -23.32
CA PHE B 240 -11.39 -27.71 -24.05
C PHE B 240 -10.49 -26.62 -24.59
N THR B 241 -10.75 -26.22 -25.84
CA THR B 241 -9.95 -25.20 -26.52
C THR B 241 -10.91 -24.27 -27.25
N GLY B 242 -11.31 -23.19 -26.58
CA GLY B 242 -12.19 -22.21 -27.18
C GLY B 242 -11.58 -20.83 -27.27
N HIS B 243 -10.67 -20.53 -26.35
CA HIS B 243 -10.04 -19.22 -26.30
C HIS B 243 -8.90 -19.13 -27.32
N GLU B 244 -8.48 -17.90 -27.59
CA GLU B 244 -7.38 -17.63 -28.51
C GLU B 244 -6.20 -16.94 -27.83
N SER B 245 -6.10 -17.03 -26.51
CA SER B 245 -5.03 -16.41 -25.77
C SER B 245 -4.83 -17.19 -24.47
N ASP B 246 -3.95 -16.67 -23.61
CA ASP B 246 -3.63 -17.36 -22.36
C ASP B 246 -4.78 -17.26 -21.37
N ILE B 247 -5.20 -18.40 -20.83
CA ILE B 247 -6.22 -18.44 -19.79
C ILE B 247 -5.59 -18.02 -18.48
N ASN B 248 -6.19 -17.02 -17.82
CA ASN B 248 -5.61 -16.48 -16.59
C ASN B 248 -6.34 -16.94 -15.32
N ALA B 249 -7.61 -17.33 -15.42
CA ALA B 249 -8.36 -17.72 -14.24
C ALA B 249 -9.38 -18.79 -14.60
N ILE B 250 -9.77 -19.56 -13.59
CA ILE B 250 -10.79 -20.60 -13.75
C ILE B 250 -11.48 -20.79 -12.42
N CYS B 251 -12.75 -21.20 -12.48
CA CYS B 251 -13.53 -21.46 -11.27
C CYS B 251 -14.61 -22.48 -11.60
N PHE B 252 -15.11 -23.13 -10.56
CA PHE B 252 -16.11 -24.19 -10.70
C PHE B 252 -17.50 -23.67 -10.35
N PHE B 253 -18.49 -24.11 -11.11
CA PHE B 253 -19.87 -23.82 -10.77
C PHE B 253 -20.22 -24.53 -9.46
N PRO B 254 -21.10 -23.92 -8.65
CA PRO B 254 -21.45 -24.55 -7.35
C PRO B 254 -22.04 -25.94 -7.49
N ASN B 255 -22.68 -26.25 -8.62
CA ASN B 255 -23.20 -27.60 -8.84
C ASN B 255 -22.14 -28.59 -9.27
N GLY B 256 -20.96 -28.11 -9.68
CA GLY B 256 -19.87 -28.99 -10.04
C GLY B 256 -19.95 -29.62 -11.42
N ASN B 257 -20.81 -29.10 -12.30
CA ASN B 257 -20.95 -29.65 -13.64
C ASN B 257 -20.60 -28.66 -14.74
N ALA B 258 -20.11 -27.47 -14.40
CA ALA B 258 -19.74 -26.48 -15.40
C ALA B 258 -18.67 -25.57 -14.83
N PHE B 259 -18.00 -24.83 -15.71
CA PHE B 259 -16.95 -23.93 -15.28
C PHE B 259 -16.79 -22.79 -16.28
N ALA B 260 -16.55 -21.60 -15.77
CA ALA B 260 -16.31 -20.41 -16.59
C ALA B 260 -14.87 -19.97 -16.41
N THR B 261 -14.19 -19.67 -17.52
CA THR B 261 -12.79 -19.30 -17.49
C THR B 261 -12.56 -18.04 -18.32
N GLY B 262 -11.62 -17.22 -17.88
CA GLY B 262 -11.31 -15.97 -18.53
C GLY B 262 -9.89 -15.95 -19.05
N SER B 263 -9.69 -15.23 -20.16
CA SER B 263 -8.38 -15.15 -20.78
C SER B 263 -7.95 -13.70 -20.99
N ASP B 264 -6.85 -13.49 -21.72
CA ASP B 264 -6.34 -12.16 -21.99
C ASP B 264 -7.00 -11.49 -23.19
N ASP B 265 -7.89 -12.18 -23.89
CA ASP B 265 -8.60 -11.61 -25.02
C ASP B 265 -9.84 -10.82 -24.61
N ALA B 266 -9.94 -10.45 -23.33
CA ALA B 266 -11.04 -9.65 -22.80
C ALA B 266 -12.39 -10.37 -22.93
N THR B 267 -12.38 -11.70 -22.97
CA THR B 267 -13.59 -12.49 -23.03
C THR B 267 -13.54 -13.60 -21.98
N CYS B 268 -14.71 -13.94 -21.44
CA CYS B 268 -14.88 -15.10 -20.60
C CYS B 268 -15.74 -16.13 -21.34
N ARG B 269 -15.51 -17.41 -21.09
CA ARG B 269 -16.25 -18.46 -21.76
C ARG B 269 -16.68 -19.50 -20.76
N LEU B 270 -17.91 -20.00 -20.93
CA LEU B 270 -18.48 -21.01 -20.05
C LEU B 270 -18.53 -22.35 -20.77
N PHE B 271 -18.05 -23.39 -20.09
CA PHE B 271 -18.05 -24.74 -20.64
C PHE B 271 -18.77 -25.68 -19.68
N ASP B 272 -19.40 -26.70 -20.24
CA ASP B 272 -20.11 -27.72 -19.48
C ASP B 272 -19.40 -29.06 -19.61
N LEU B 273 -19.28 -29.77 -18.50
CA LEU B 273 -18.57 -31.04 -18.50
C LEU B 273 -19.27 -32.08 -19.36
N ARG B 274 -20.59 -32.24 -19.16
CA ARG B 274 -21.32 -33.26 -19.90
C ARG B 274 -21.52 -32.85 -21.36
N ALA B 275 -21.75 -31.56 -21.62
CA ALA B 275 -21.97 -31.11 -22.98
C ALA B 275 -20.71 -31.20 -23.83
N ASP B 276 -19.54 -31.06 -23.19
CA ASP B 276 -18.24 -31.13 -23.88
C ASP B 276 -18.13 -30.07 -24.98
N GLN B 277 -18.78 -28.93 -24.78
CA GLN B 277 -18.78 -27.86 -25.76
C GLN B 277 -18.90 -26.52 -25.04
N GLU B 278 -18.49 -25.46 -25.73
CA GLU B 278 -18.63 -24.12 -25.21
C GLU B 278 -20.11 -23.73 -25.15
N LEU B 279 -20.50 -23.07 -24.06
CA LEU B 279 -21.89 -22.69 -23.84
C LEU B 279 -22.16 -21.24 -24.22
N MET B 280 -21.44 -20.30 -23.61
CA MET B 280 -21.70 -18.89 -23.85
C MET B 280 -20.44 -18.08 -23.59
N THR B 281 -20.29 -16.99 -24.34
CA THR B 281 -19.17 -16.06 -24.21
C THR B 281 -19.66 -14.74 -23.64
N TYR B 282 -19.01 -14.28 -22.58
CA TYR B 282 -19.29 -13.00 -21.95
C TYR B 282 -18.17 -12.04 -22.34
N SER B 283 -18.49 -11.05 -23.16
CA SER B 283 -17.50 -10.06 -23.59
C SER B 283 -18.22 -8.78 -24.00
N HIS B 284 -17.48 -7.69 -24.00
CA HIS B 284 -18.00 -6.39 -24.41
C HIS B 284 -16.97 -5.70 -25.31
N ASP B 285 -17.48 -4.90 -26.24
CA ASP B 285 -16.59 -4.15 -27.13
C ASP B 285 -15.77 -3.13 -26.36
N ASN B 286 -16.38 -2.47 -25.37
CA ASN B 286 -15.66 -1.49 -24.56
C ASN B 286 -14.59 -2.13 -23.69
N ILE B 287 -14.64 -3.45 -23.50
CA ILE B 287 -13.66 -4.17 -22.70
C ILE B 287 -12.55 -4.67 -23.61
N ILE B 288 -11.34 -4.16 -23.41
CA ILE B 288 -10.19 -4.54 -24.21
C ILE B 288 -9.05 -4.96 -23.28
N CYS B 289 -9.39 -5.37 -22.06
CA CYS B 289 -8.41 -5.75 -21.06
C CYS B 289 -8.66 -7.19 -20.62
N GLY B 290 -7.57 -7.89 -20.30
CA GLY B 290 -7.69 -9.28 -19.91
C GLY B 290 -8.31 -9.46 -18.54
N ILE B 291 -8.74 -10.69 -18.27
CA ILE B 291 -9.40 -11.05 -17.03
C ILE B 291 -8.37 -11.67 -16.10
N THR B 292 -8.27 -11.14 -14.88
CA THR B 292 -7.31 -11.63 -13.90
C THR B 292 -7.89 -12.65 -12.93
N SER B 293 -9.18 -12.58 -12.64
CA SER B 293 -9.81 -13.52 -11.71
C SER B 293 -11.29 -13.64 -12.03
N VAL B 294 -11.87 -14.76 -11.61
CA VAL B 294 -13.30 -15.03 -11.78
C VAL B 294 -13.82 -15.65 -10.49
N SER B 295 -15.13 -15.52 -10.29
CA SER B 295 -15.79 -16.09 -9.12
C SER B 295 -17.28 -16.20 -9.41
N PHE B 296 -17.89 -17.26 -8.90
CA PHE B 296 -19.31 -17.55 -9.14
C PHE B 296 -20.10 -17.36 -7.86
N SER B 297 -21.33 -16.89 -8.01
CA SER B 297 -22.22 -16.74 -6.86
C SER B 297 -22.75 -18.10 -6.41
N LYS B 298 -23.46 -18.10 -5.28
CA LYS B 298 -23.95 -19.35 -4.71
C LYS B 298 -24.94 -20.04 -5.65
N SER B 299 -25.84 -19.29 -6.26
CA SER B 299 -26.78 -19.85 -7.23
C SER B 299 -26.24 -19.83 -8.64
N GLY B 300 -25.07 -19.24 -8.88
CA GLY B 300 -24.51 -19.15 -10.20
C GLY B 300 -25.16 -18.11 -11.10
N ARG B 301 -26.02 -17.26 -10.55
CA ARG B 301 -26.67 -16.25 -11.36
C ARG B 301 -25.71 -15.12 -11.72
N LEU B 302 -24.87 -14.71 -10.77
CA LEU B 302 -23.94 -13.61 -10.96
C LEU B 302 -22.52 -14.16 -10.98
N LEU B 303 -21.79 -13.86 -12.04
CA LEU B 303 -20.38 -14.23 -12.17
C LEU B 303 -19.54 -12.96 -12.06
N LEU B 304 -18.65 -12.92 -11.08
CA LEU B 304 -17.81 -11.76 -10.85
C LEU B 304 -16.45 -11.99 -11.50
N ALA B 305 -15.98 -11.00 -12.26
CA ALA B 305 -14.71 -11.11 -12.96
C ALA B 305 -13.94 -9.81 -12.81
N GLY B 306 -12.69 -9.92 -12.36
CA GLY B 306 -11.81 -8.77 -12.29
C GLY B 306 -11.05 -8.59 -13.60
N TYR B 307 -10.94 -7.34 -14.04
CA TYR B 307 -10.29 -7.01 -15.30
C TYR B 307 -9.07 -6.12 -15.03
N ASP B 308 -8.43 -5.69 -16.12
CA ASP B 308 -7.25 -4.84 -16.02
C ASP B 308 -7.57 -3.35 -16.16
N ASP B 309 -8.85 -2.99 -16.23
CA ASP B 309 -9.25 -1.59 -16.40
C ASP B 309 -9.65 -0.96 -15.07
N PHE B 310 -8.98 -1.34 -13.98
CA PHE B 310 -9.11 -0.72 -12.67
C PHE B 310 -10.46 -0.96 -12.02
N ASN B 311 -11.22 -1.95 -12.48
CA ASN B 311 -12.53 -2.25 -11.91
C ASN B 311 -12.88 -3.71 -12.18
N CYS B 312 -14.04 -4.12 -11.68
CA CYS B 312 -14.53 -5.48 -11.87
C CYS B 312 -15.95 -5.44 -12.42
N ASN B 313 -16.34 -6.53 -13.08
CA ASN B 313 -17.66 -6.65 -13.67
C ASN B 313 -18.42 -7.80 -13.03
N VAL B 314 -19.74 -7.67 -13.00
CA VAL B 314 -20.63 -8.70 -12.48
C VAL B 314 -21.59 -9.03 -13.61
N TRP B 315 -21.33 -10.13 -14.30
CA TRP B 315 -22.14 -10.59 -15.42
C TRP B 315 -23.27 -11.48 -14.94
N ASP B 316 -24.33 -11.54 -15.75
CA ASP B 316 -25.43 -12.47 -15.54
C ASP B 316 -25.17 -13.69 -16.42
N ALA B 317 -24.86 -14.82 -15.80
CA ALA B 317 -24.42 -15.99 -16.54
C ALA B 317 -25.51 -16.49 -17.49
N LEU B 318 -26.76 -16.53 -17.01
CA LEU B 318 -27.83 -17.07 -17.85
C LEU B 318 -28.22 -16.10 -18.96
N LYS B 319 -28.33 -14.81 -18.63
CA LYS B 319 -28.74 -13.82 -19.63
C LYS B 319 -27.60 -13.33 -20.50
N ALA B 320 -26.35 -13.63 -20.14
CA ALA B 320 -25.17 -13.24 -20.92
C ALA B 320 -25.12 -11.73 -21.15
N ASP B 321 -25.48 -10.96 -20.13
CA ASP B 321 -25.48 -9.51 -20.20
C ASP B 321 -24.85 -8.94 -18.94
N ARG B 322 -24.26 -7.75 -19.07
CA ARG B 322 -23.68 -7.08 -17.92
C ARG B 322 -24.77 -6.70 -16.93
N ALA B 323 -24.47 -6.89 -15.64
CA ALA B 323 -25.43 -6.61 -14.58
C ALA B 323 -24.92 -5.64 -13.53
N GLY B 324 -23.64 -5.63 -13.23
CA GLY B 324 -23.11 -4.72 -12.23
C GLY B 324 -21.66 -4.36 -12.49
N VAL B 325 -21.24 -3.25 -11.90
CA VAL B 325 -19.87 -2.76 -12.01
C VAL B 325 -19.36 -2.47 -10.61
N LEU B 326 -18.20 -3.04 -10.27
CA LEU B 326 -17.54 -2.79 -8.99
C LEU B 326 -16.36 -1.85 -9.25
N ALA B 327 -16.48 -0.61 -8.80
CA ALA B 327 -15.48 0.41 -8.99
C ALA B 327 -15.10 1.03 -7.65
N GLY B 328 -13.87 1.53 -7.58
CA GLY B 328 -13.35 2.08 -6.34
C GLY B 328 -11.89 1.74 -6.13
N HIS B 329 -11.32 0.97 -7.06
CA HIS B 329 -9.91 0.61 -7.01
C HIS B 329 -9.14 1.46 -8.02
N ASP B 330 -8.08 2.11 -7.55
CA ASP B 330 -7.26 2.97 -8.39
C ASP B 330 -6.12 2.23 -9.07
N ASN B 331 -6.24 0.91 -9.25
CA ASN B 331 -5.24 0.11 -9.92
C ASN B 331 -5.89 -1.18 -10.40
N ARG B 332 -5.11 -1.98 -11.12
CA ARG B 332 -5.62 -3.24 -11.64
C ARG B 332 -5.96 -4.20 -10.51
N VAL B 333 -7.15 -4.80 -10.59
CA VAL B 333 -7.60 -5.73 -9.55
C VAL B 333 -7.02 -7.10 -9.84
N SER B 334 -6.35 -7.68 -8.84
CA SER B 334 -5.70 -8.97 -8.99
C SER B 334 -6.60 -10.12 -8.54
N CYS B 335 -7.06 -10.07 -7.29
CA CYS B 335 -7.77 -11.19 -6.70
C CYS B 335 -9.21 -10.81 -6.38
N LEU B 336 -10.09 -11.80 -6.45
CA LEU B 336 -11.51 -11.59 -6.23
C LEU B 336 -12.12 -12.88 -5.70
N GLY B 337 -12.86 -12.77 -4.59
CA GLY B 337 -13.42 -13.94 -3.96
C GLY B 337 -14.79 -13.75 -3.37
N VAL B 338 -15.69 -14.70 -3.65
CA VAL B 338 -17.04 -14.70 -3.09
C VAL B 338 -17.03 -15.59 -1.85
N THR B 339 -17.57 -15.08 -0.74
CA THR B 339 -17.52 -15.80 0.52
C THR B 339 -18.42 -17.03 0.46
N ASP B 340 -18.22 -17.93 1.43
CA ASP B 340 -18.96 -19.20 1.44
C ASP B 340 -20.45 -18.97 1.63
N ASP B 341 -20.83 -18.05 2.51
CA ASP B 341 -22.25 -17.76 2.75
C ASP B 341 -22.88 -16.94 1.64
N GLY B 342 -22.09 -16.40 0.71
CA GLY B 342 -22.61 -15.57 -0.35
C GLY B 342 -22.97 -14.16 0.06
N MET B 343 -22.58 -13.72 1.26
CA MET B 343 -22.94 -12.41 1.74
C MET B 343 -22.01 -11.33 1.18
N ALA B 344 -20.72 -11.43 1.49
CA ALA B 344 -19.75 -10.41 1.11
C ALA B 344 -18.85 -10.91 -0.02
N VAL B 345 -18.21 -9.96 -0.70
CA VAL B 345 -17.27 -10.26 -1.76
C VAL B 345 -16.01 -9.43 -1.53
N ALA B 346 -14.85 -10.09 -1.53
CA ALA B 346 -13.59 -9.41 -1.24
C ALA B 346 -12.78 -9.24 -2.52
N THR B 347 -12.21 -8.05 -2.69
CA THR B 347 -11.42 -7.72 -3.86
C THR B 347 -10.07 -7.16 -3.44
N GLY B 348 -9.02 -7.57 -4.14
CA GLY B 348 -7.68 -7.11 -3.87
C GLY B 348 -6.97 -6.63 -5.12
N SER B 349 -6.42 -5.42 -5.06
CA SER B 349 -5.83 -4.73 -6.20
C SER B 349 -4.38 -4.38 -5.96
N TRP B 350 -3.77 -3.64 -6.90
CA TRP B 350 -2.38 -3.21 -6.77
C TRP B 350 -2.20 -1.96 -5.92
N ASP B 351 -3.29 -1.35 -5.44
CA ASP B 351 -3.21 -0.17 -4.61
C ASP B 351 -2.96 -0.49 -3.13
N SER B 352 -2.54 -1.72 -2.83
CA SER B 352 -2.27 -2.15 -1.46
C SER B 352 -3.50 -2.04 -0.57
N PHE B 353 -4.69 -2.14 -1.15
CA PHE B 353 -5.94 -2.03 -0.42
C PHE B 353 -6.84 -3.20 -0.77
N LEU B 354 -7.51 -3.73 0.25
CA LEU B 354 -8.49 -4.80 0.09
C LEU B 354 -9.87 -4.26 0.45
N LYS B 355 -10.85 -4.54 -0.40
CA LYS B 355 -12.19 -3.98 -0.24
C LYS B 355 -13.21 -5.11 -0.06
N ILE B 356 -14.02 -5.00 0.99
CA ILE B 356 -15.12 -5.92 1.25
C ILE B 356 -16.40 -5.25 0.80
N TRP B 357 -17.17 -5.92 -0.05
CA TRP B 357 -18.37 -5.37 -0.66
C TRP B 357 -19.59 -6.18 -0.25
N ASN B 358 -20.71 -5.48 -0.11
CA ASN B 358 -21.99 -6.12 0.17
C ASN B 358 -23.14 -5.18 -0.14
N ASP C 1 8.46 -26.63 25.61
CA ASP C 1 7.14 -26.71 26.22
C ASP C 1 6.84 -25.45 27.05
N VAL C 2 5.55 -25.14 27.20
CA VAL C 2 5.14 -23.98 27.96
C VAL C 2 5.49 -24.19 29.43
N GLN C 3 6.07 -23.17 30.05
CA GLN C 3 6.50 -23.28 31.44
C GLN C 3 6.52 -21.88 32.07
N LEU C 4 5.56 -21.62 32.95
CA LEU C 4 5.53 -20.42 33.76
C LEU C 4 5.93 -20.79 35.18
N VAL C 5 7.02 -20.19 35.67
CA VAL C 5 7.55 -20.47 36.99
C VAL C 5 7.54 -19.19 37.80
N GLU C 6 6.89 -19.21 38.95
CA GLU C 6 6.73 -18.04 39.80
C GLU C 6 7.54 -18.20 41.08
N SER C 7 8.15 -17.10 41.51
CA SER C 7 8.97 -17.08 42.71
C SER C 7 8.88 -15.69 43.34
N GLY C 8 9.55 -15.53 44.48
CA GLY C 8 9.54 -14.29 45.21
C GLY C 8 8.59 -14.24 46.40
N GLY C 9 7.89 -15.32 46.68
CA GLY C 9 6.97 -15.37 47.81
C GLY C 9 7.68 -15.69 49.11
N GLY C 10 6.89 -15.91 50.14
CA GLY C 10 7.39 -16.22 51.45
C GLY C 10 6.51 -15.59 52.51
N LEU C 11 7.08 -15.43 53.71
CA LEU C 11 6.39 -14.85 54.85
C LEU C 11 6.74 -13.38 54.96
N VAL C 12 5.72 -12.53 55.03
CA VAL C 12 5.88 -11.08 55.07
C VAL C 12 5.17 -10.55 56.30
N GLN C 13 5.84 -9.66 57.03
CA GLN C 13 5.19 -8.98 58.14
C GLN C 13 4.12 -8.02 57.62
N PRO C 14 3.07 -7.78 58.40
CA PRO C 14 2.02 -6.87 57.94
C PRO C 14 2.56 -5.47 57.70
N GLY C 15 2.03 -4.82 56.66
CA GLY C 15 2.48 -3.50 56.28
C GLY C 15 3.74 -3.45 55.46
N GLY C 16 4.32 -4.60 55.09
CA GLY C 16 5.54 -4.65 54.33
C GLY C 16 5.29 -4.62 52.83
N SER C 17 6.38 -4.81 52.08
CA SER C 17 6.35 -4.80 50.63
C SER C 17 7.17 -5.97 50.10
N ARG C 18 6.83 -6.42 48.90
CA ARG C 18 7.52 -7.54 48.28
C ARG C 18 7.31 -7.48 46.77
N LYS C 19 8.08 -8.30 46.06
CA LYS C 19 7.99 -8.40 44.61
C LYS C 19 7.91 -9.87 44.21
N LEU C 20 6.93 -10.21 43.38
CA LEU C 20 6.76 -11.55 42.86
C LEU C 20 7.16 -11.56 41.39
N SER C 21 8.02 -12.49 41.02
CA SER C 21 8.52 -12.60 39.66
C SER C 21 8.01 -13.89 39.02
N CYS C 22 7.85 -13.85 37.70
CA CYS C 22 7.39 -15.03 36.96
C CYS C 22 8.13 -15.11 35.64
N SER C 23 8.89 -16.19 35.46
CA SER C 23 9.52 -16.51 34.19
C SER C 23 8.54 -17.27 33.31
N ALA C 24 8.61 -17.01 32.01
CA ALA C 24 7.62 -17.45 31.03
C ALA C 24 8.29 -18.22 29.90
N SER C 25 9.09 -19.22 30.25
CA SER C 25 9.91 -19.90 29.26
C SER C 25 9.06 -20.86 28.43
N GLY C 26 9.40 -20.96 27.15
CA GLY C 26 8.78 -21.94 26.27
C GLY C 26 7.68 -21.44 25.37
N PHE C 27 7.44 -20.13 25.31
CA PHE C 27 6.42 -19.59 24.42
C PHE C 27 6.72 -18.12 24.15
N ALA C 28 6.00 -17.56 23.17
CA ALA C 28 6.16 -16.16 22.81
C ALA C 28 5.51 -15.26 23.85
N PHE C 29 6.29 -14.88 24.87
CA PHE C 29 5.76 -14.08 25.97
C PHE C 29 5.31 -12.68 25.53
N SER C 30 5.84 -12.17 24.42
CA SER C 30 5.52 -10.81 24.01
C SER C 30 4.10 -10.69 23.48
N SER C 31 3.53 -11.78 22.96
CA SER C 31 2.22 -11.75 22.33
C SER C 31 1.11 -12.20 23.27
N PHE C 32 1.40 -12.45 24.54
CA PHE C 32 0.43 -12.98 25.49
C PHE C 32 0.21 -11.98 26.61
N GLY C 33 -1.06 -11.61 26.83
CA GLY C 33 -1.41 -10.88 28.03
C GLY C 33 -1.30 -11.76 29.26
N MET C 34 -1.05 -11.13 30.40
CA MET C 34 -0.77 -11.84 31.63
C MET C 34 -1.73 -11.42 32.73
N HIS C 35 -2.19 -12.38 33.52
CA HIS C 35 -3.06 -12.14 34.66
C HIS C 35 -2.44 -12.70 35.93
N TRP C 36 -2.80 -12.09 37.06
CA TRP C 36 -2.45 -12.59 38.38
C TRP C 36 -3.74 -13.05 39.06
N VAL C 37 -3.77 -14.31 39.49
CA VAL C 37 -4.94 -14.88 40.14
C VAL C 37 -4.48 -15.56 41.42
N ARG C 38 -4.95 -15.06 42.56
CA ARG C 38 -4.59 -15.60 43.86
C ARG C 38 -5.68 -16.53 44.39
N GLN C 39 -5.32 -17.32 45.39
CA GLN C 39 -6.25 -18.26 46.01
C GLN C 39 -5.96 -18.28 47.50
N ALA C 40 -6.93 -17.81 48.30
CA ALA C 40 -6.79 -17.82 49.74
C ALA C 40 -6.85 -19.27 50.26
N PRO C 41 -6.24 -19.54 51.42
CA PRO C 41 -6.29 -20.89 51.97
C PRO C 41 -7.74 -21.32 52.23
N GLU C 42 -8.07 -22.52 51.74
CA GLU C 42 -9.41 -23.09 51.88
C GLU C 42 -10.48 -22.15 51.32
N LYS C 43 -10.16 -21.50 50.20
CA LYS C 43 -11.08 -20.58 49.55
C LYS C 43 -10.92 -20.70 48.05
N GLY C 44 -11.67 -19.87 47.31
CA GLY C 44 -11.65 -19.89 45.86
C GLY C 44 -10.61 -18.95 45.28
N LEU C 45 -10.73 -18.73 43.97
CA LEU C 45 -9.84 -17.86 43.23
C LEU C 45 -10.46 -16.48 43.06
N GLU C 46 -9.59 -15.46 42.99
CA GLU C 46 -10.03 -14.10 42.73
C GLU C 46 -8.97 -13.39 41.90
N TRP C 47 -9.40 -12.76 40.82
CA TRP C 47 -8.49 -12.06 39.93
C TRP C 47 -7.89 -10.84 40.62
N VAL C 48 -6.64 -10.54 40.28
CA VAL C 48 -5.90 -9.48 40.96
C VAL C 48 -5.56 -8.36 39.99
N ALA C 49 -4.81 -8.67 38.95
CA ALA C 49 -4.37 -7.66 38.00
C ALA C 49 -4.14 -8.30 36.64
N TYR C 50 -4.10 -7.46 35.61
CA TYR C 50 -3.93 -7.91 34.24
C TYR C 50 -3.17 -6.85 33.45
N ILE C 51 -2.23 -7.32 32.61
CA ILE C 51 -1.48 -6.47 31.71
C ILE C 51 -1.57 -7.06 30.31
N SER C 52 -1.67 -6.18 29.31
CA SER C 52 -1.84 -6.62 27.93
C SER C 52 -0.50 -7.05 27.33
N SER C 53 -0.54 -7.43 26.05
CA SER C 53 0.68 -7.87 25.37
C SER C 53 1.66 -6.73 25.19
N GLY C 54 1.17 -5.58 24.75
CA GLY C 54 1.99 -4.40 24.55
C GLY C 54 2.15 -3.52 25.78
N SER C 55 1.65 -3.96 26.94
CA SER C 55 1.69 -3.17 28.16
C SER C 55 1.00 -1.82 27.98
N GLY C 56 -0.10 -1.83 27.22
CA GLY C 56 -0.86 -0.61 26.98
C GLY C 56 -2.03 -0.46 27.92
N THR C 57 -2.80 -1.52 28.10
CA THR C 57 -3.96 -1.52 28.99
C THR C 57 -3.63 -2.33 30.24
N ILE C 58 -3.82 -1.71 31.40
CA ILE C 58 -3.53 -2.34 32.68
C ILE C 58 -4.77 -2.24 33.56
N TYR C 59 -5.17 -3.36 34.15
CA TYR C 59 -6.34 -3.41 35.01
C TYR C 59 -5.96 -4.00 36.37
N TYR C 60 -6.61 -3.48 37.41
CA TYR C 60 -6.40 -3.94 38.78
C TYR C 60 -7.74 -4.33 39.40
N ALA C 61 -7.68 -4.87 40.61
CA ALA C 61 -8.85 -5.20 41.39
C ALA C 61 -9.10 -4.12 42.44
N ASP C 62 -10.36 -3.93 42.80
CA ASP C 62 -10.72 -2.88 43.74
C ASP C 62 -10.07 -3.09 45.10
N THR C 63 -9.85 -4.34 45.50
CA THR C 63 -9.19 -4.61 46.77
C THR C 63 -7.72 -4.20 46.73
N VAL C 64 -7.07 -4.38 45.58
CA VAL C 64 -5.64 -4.07 45.42
C VAL C 64 -5.40 -2.81 44.62
N LYS C 65 -6.45 -2.06 44.27
CA LYS C 65 -6.26 -0.84 43.50
C LYS C 65 -5.46 0.18 44.29
N GLY C 66 -4.45 0.76 43.64
CA GLY C 66 -3.59 1.71 44.31
C GLY C 66 -2.59 1.10 45.27
N ARG C 67 -2.47 -0.23 45.28
CA ARG C 67 -1.57 -0.90 46.22
C ARG C 67 -0.69 -1.91 45.49
N PHE C 68 -1.16 -2.43 44.37
CA PHE C 68 -0.45 -3.43 43.58
C PHE C 68 -0.06 -2.85 42.23
N THR C 69 1.14 -3.18 41.78
CA THR C 69 1.63 -2.76 40.47
C THR C 69 2.03 -3.99 39.67
N ILE C 70 1.66 -4.01 38.38
CA ILE C 70 1.97 -5.13 37.50
C ILE C 70 2.79 -4.61 36.33
N SER C 71 3.91 -5.27 36.06
CA SER C 71 4.84 -4.83 35.02
C SER C 71 5.28 -6.03 34.20
N ARG C 72 5.69 -5.75 32.96
CA ARG C 72 6.10 -6.77 32.01
C ARG C 72 7.49 -6.43 31.47
N ASP C 73 8.33 -7.46 31.33
CA ASP C 73 9.68 -7.33 30.78
C ASP C 73 9.76 -8.28 29.59
N ASP C 74 9.45 -7.76 28.41
CA ASP C 74 9.49 -8.56 27.19
C ASP C 74 10.88 -9.06 26.84
N PRO C 75 11.94 -8.21 26.82
CA PRO C 75 13.27 -8.75 26.49
C PRO C 75 13.74 -9.85 27.43
N LYS C 76 13.42 -9.74 28.72
CA LYS C 76 13.78 -10.76 29.69
C LYS C 76 12.70 -11.83 29.86
N ASN C 77 11.55 -11.66 29.21
CA ASN C 77 10.44 -12.63 29.28
C ASN C 77 10.04 -12.90 30.73
N THR C 78 9.61 -11.84 31.42
CA THR C 78 9.28 -11.95 32.83
C THR C 78 8.10 -11.06 33.16
N LEU C 79 7.35 -11.45 34.19
CA LEU C 79 6.25 -10.65 34.73
C LEU C 79 6.53 -10.33 36.18
N PHE C 80 6.26 -9.09 36.59
CA PHE C 80 6.53 -8.62 37.94
C PHE C 80 5.26 -8.10 38.58
N LEU C 81 5.09 -8.41 39.87
CA LEU C 81 4.00 -7.88 40.68
C LEU C 81 4.59 -7.30 41.95
N GLN C 82 4.51 -5.99 42.10
CA GLN C 82 5.03 -5.29 43.27
C GLN C 82 3.88 -4.98 44.21
N MET C 83 4.00 -5.42 45.46
CA MET C 83 2.97 -5.24 46.47
C MET C 83 3.52 -4.44 47.63
N THR C 84 2.76 -3.44 48.08
CA THR C 84 3.15 -2.59 49.18
C THR C 84 1.96 -2.41 50.12
N SER C 85 2.27 -2.11 51.38
CA SER C 85 1.27 -1.93 52.44
C SER C 85 0.36 -3.15 52.53
N LEU C 86 0.99 -4.30 52.75
CA LEU C 86 0.26 -5.57 52.79
C LEU C 86 -0.56 -5.68 54.08
N ARG C 87 -1.64 -6.44 53.99
CA ARG C 87 -2.51 -6.73 55.13
C ARG C 87 -2.56 -8.23 55.36
N SER C 88 -3.14 -8.62 56.50
CA SER C 88 -3.23 -10.03 56.85
C SER C 88 -4.12 -10.82 55.90
N GLU C 89 -4.96 -10.14 55.12
CA GLU C 89 -5.84 -10.79 54.17
C GLU C 89 -5.17 -11.05 52.82
N ASP C 90 -3.90 -10.68 52.67
CA ASP C 90 -3.18 -10.89 51.42
C ASP C 90 -2.58 -12.29 51.31
N THR C 91 -2.69 -13.11 52.36
CA THR C 91 -2.17 -14.47 52.31
C THR C 91 -2.95 -15.29 51.28
N ALA C 92 -2.25 -15.81 50.29
CA ALA C 92 -2.89 -16.56 49.21
C ALA C 92 -1.84 -17.41 48.51
N MET C 93 -2.23 -18.01 47.39
CA MET C 93 -1.34 -18.84 46.57
C MET C 93 -1.43 -18.28 45.14
N TYR C 94 -0.54 -17.34 44.82
CA TYR C 94 -0.63 -16.62 43.58
C TYR C 94 -0.29 -17.50 42.38
N TYR C 95 -0.93 -17.20 41.25
CA TYR C 95 -0.71 -17.90 39.99
C TYR C 95 -0.64 -16.87 38.87
N CYS C 96 0.25 -17.11 37.92
CA CYS C 96 0.36 -16.30 36.71
C CYS C 96 -0.33 -17.02 35.57
N VAL C 97 -1.26 -16.34 34.91
CA VAL C 97 -2.14 -16.95 33.92
C VAL C 97 -1.87 -16.32 32.56
N ARG C 98 -1.67 -17.18 31.56
CA ARG C 98 -1.53 -16.75 30.17
C ARG C 98 -2.87 -16.31 29.60
N SER C 99 -2.81 -15.45 28.59
CA SER C 99 -3.99 -15.10 27.82
C SER C 99 -3.55 -14.57 26.47
N ILE C 100 -4.45 -14.64 25.50
CA ILE C 100 -4.20 -14.08 24.18
C ILE C 100 -5.57 -13.86 23.53
N TYR C 101 -5.75 -12.70 22.91
CA TYR C 101 -7.06 -12.25 22.46
C TYR C 101 -7.03 -11.94 20.97
N TYR C 102 -7.53 -12.87 20.17
CA TYR C 102 -7.91 -12.62 18.78
C TYR C 102 -9.13 -13.48 18.48
N TYR C 103 -9.49 -13.59 17.21
CA TYR C 103 -10.65 -14.38 16.84
C TYR C 103 -10.34 -15.87 16.98
N GLY C 104 -11.18 -16.59 17.71
CA GLY C 104 -10.96 -17.99 17.95
C GLY C 104 -9.94 -18.31 19.02
N SER C 105 -9.44 -17.31 19.74
CA SER C 105 -8.43 -17.52 20.75
C SER C 105 -9.03 -18.17 22.00
N SER C 106 -8.14 -18.76 22.81
CA SER C 106 -8.53 -19.46 24.03
C SER C 106 -7.68 -18.93 25.20
N PRO C 107 -8.08 -17.82 25.79
CA PRO C 107 -7.33 -17.28 26.93
C PRO C 107 -7.51 -18.13 28.18
N PHE C 108 -6.69 -17.82 29.19
CA PHE C 108 -6.76 -18.46 30.50
C PHE C 108 -6.57 -19.98 30.40
N ASP C 109 -5.39 -20.37 29.93
CA ASP C 109 -5.11 -21.79 29.71
C ASP C 109 -4.00 -22.32 30.61
N PHE C 110 -2.84 -21.65 30.65
CA PHE C 110 -1.69 -22.15 31.38
C PHE C 110 -1.47 -21.33 32.65
N TRP C 111 -1.29 -22.03 33.77
CA TRP C 111 -1.10 -21.42 35.08
C TRP C 111 0.25 -21.85 35.65
N GLY C 112 0.49 -21.46 36.91
CA GLY C 112 1.73 -21.82 37.58
C GLY C 112 1.53 -22.11 39.06
N GLY C 113 2.41 -21.59 39.91
CA GLY C 113 2.26 -21.74 41.34
C GLY C 113 3.30 -21.04 42.19
N THR C 114 2.85 -20.30 43.20
CA THR C 114 3.72 -19.68 44.18
C THR C 114 2.90 -19.37 45.42
N THR C 115 3.59 -19.24 46.56
CA THR C 115 2.96 -19.09 47.86
C THR C 115 3.39 -17.78 48.51
N LEU C 116 2.42 -17.03 49.03
CA LEU C 116 2.69 -15.82 49.78
C LEU C 116 1.84 -15.83 51.05
N THR C 117 2.48 -15.60 52.19
CA THR C 117 1.80 -15.59 53.48
C THR C 117 2.12 -14.28 54.19
N VAL C 118 1.09 -13.61 54.69
CA VAL C 118 1.22 -12.37 55.44
C VAL C 118 0.67 -12.59 56.84
N SER C 119 1.48 -12.26 57.85
CA SER C 119 1.09 -12.45 59.23
C SER C 119 0.01 -11.44 59.63
N ASP C 136 -19.57 -5.13 39.58
CA ASP C 136 -18.98 -6.45 39.79
C ASP C 136 -20.02 -7.55 39.63
N ILE C 137 -19.88 -8.35 38.57
CA ILE C 137 -20.80 -9.44 38.32
C ILE C 137 -20.63 -10.50 39.41
N VAL C 138 -21.76 -10.96 39.94
CA VAL C 138 -21.76 -11.94 41.04
C VAL C 138 -21.88 -13.33 40.42
N MET C 139 -20.88 -14.17 40.67
CA MET C 139 -20.84 -15.54 40.16
C MET C 139 -20.61 -16.46 41.35
N THR C 140 -21.53 -17.40 41.56
CA THR C 140 -21.44 -18.29 42.71
C THR C 140 -22.12 -19.62 42.39
N GLN C 141 -21.65 -20.67 43.04
CA GLN C 141 -22.24 -22.02 42.93
C GLN C 141 -22.69 -22.45 44.33
N ALA C 142 -24.01 -22.57 44.53
CA ALA C 142 -24.55 -22.85 45.85
C ALA C 142 -24.20 -24.25 46.35
N THR C 143 -23.83 -25.17 45.45
CA THR C 143 -23.54 -26.55 45.83
C THR C 143 -22.07 -26.64 46.23
N SER C 144 -21.82 -26.92 47.51
CA SER C 144 -20.44 -27.04 47.99
C SER C 144 -19.76 -28.27 47.43
N SER C 145 -20.46 -29.41 47.41
CA SER C 145 -19.88 -30.65 46.93
C SER C 145 -20.96 -31.49 46.27
N VAL C 146 -20.57 -32.27 45.27
CA VAL C 146 -21.50 -33.14 44.55
C VAL C 146 -20.93 -34.56 44.52
N PRO C 147 -21.04 -35.32 45.60
CA PRO C 147 -20.60 -36.72 45.55
C PRO C 147 -21.43 -37.52 44.56
N VAL C 148 -20.77 -38.40 43.82
CA VAL C 148 -21.42 -39.17 42.76
C VAL C 148 -20.55 -40.38 42.45
N THR C 149 -21.20 -41.53 42.30
CA THR C 149 -20.49 -42.74 41.93
C THR C 149 -20.08 -42.67 40.45
N PRO C 150 -18.93 -43.21 40.08
CA PRO C 150 -18.52 -43.20 38.68
C PRO C 150 -19.43 -44.04 37.81
N GLY C 151 -19.54 -43.64 36.54
CA GLY C 151 -20.32 -44.35 35.55
C GLY C 151 -21.53 -43.59 35.03
N GLU C 152 -21.96 -42.54 35.73
CA GLU C 152 -23.10 -41.74 35.32
C GLU C 152 -22.69 -40.29 35.11
N SER C 153 -23.31 -39.64 34.12
CA SER C 153 -22.98 -38.26 33.82
C SER C 153 -23.31 -37.36 35.00
N VAL C 154 -22.40 -36.42 35.29
CA VAL C 154 -22.54 -35.50 36.39
C VAL C 154 -22.71 -34.09 35.84
N SER C 155 -23.63 -33.33 36.43
CA SER C 155 -23.94 -31.98 36.00
C SER C 155 -23.55 -30.98 37.09
N ILE C 156 -22.86 -29.93 36.68
CA ILE C 156 -22.43 -28.85 37.56
C ILE C 156 -23.05 -27.56 37.06
N SER C 157 -23.66 -26.80 37.97
CA SER C 157 -24.36 -25.57 37.63
C SER C 157 -23.71 -24.38 38.30
N CYS C 158 -23.60 -23.27 37.57
CA CYS C 158 -23.05 -22.03 38.09
C CYS C 158 -24.04 -20.90 37.82
N ARG C 159 -24.19 -20.02 38.80
CA ARG C 159 -25.14 -18.91 38.72
C ARG C 159 -24.40 -17.60 38.45
N SER C 160 -25.10 -16.68 37.80
CA SER C 160 -24.55 -15.38 37.44
C SER C 160 -25.55 -14.28 37.77
N SER C 161 -25.03 -13.08 37.98
CA SER C 161 -25.88 -11.93 38.26
C SER C 161 -26.43 -11.33 36.96
N LYS C 162 -25.54 -10.88 36.08
CA LYS C 162 -25.93 -10.34 34.79
C LYS C 162 -26.00 -11.47 33.76
N SER C 163 -26.17 -11.11 32.49
CA SER C 163 -26.19 -12.07 31.40
C SER C 163 -24.88 -12.00 30.63
N LEU C 164 -24.23 -13.16 30.47
CA LEU C 164 -22.95 -13.22 29.79
C LEU C 164 -23.09 -13.26 28.27
N LEU C 165 -24.31 -13.37 27.75
CA LEU C 165 -24.53 -13.38 26.31
C LEU C 165 -24.32 -11.99 25.75
N HIS C 166 -23.52 -11.89 24.68
CA HIS C 166 -23.19 -10.62 24.07
C HIS C 166 -23.91 -10.48 22.72
N SER C 167 -24.03 -9.24 22.26
CA SER C 167 -24.77 -8.95 21.04
C SER C 167 -24.13 -9.59 19.81
N ASN C 168 -22.85 -9.97 19.89
CA ASN C 168 -22.17 -10.62 18.79
C ASN C 168 -22.28 -12.14 18.83
N GLY C 169 -23.00 -12.69 19.79
CA GLY C 169 -23.14 -14.13 19.90
C GLY C 169 -22.14 -14.81 20.81
N ASN C 170 -21.43 -14.06 21.64
CA ASN C 170 -20.41 -14.60 22.52
C ASN C 170 -20.93 -14.70 23.95
N THR C 171 -20.56 -15.79 24.63
CA THR C 171 -20.91 -16.01 26.03
C THR C 171 -19.60 -16.23 26.79
N TYR C 172 -19.19 -15.21 27.55
CA TYR C 172 -17.89 -15.22 28.23
C TYR C 172 -18.03 -15.97 29.55
N LEU C 173 -18.08 -17.29 29.46
CA LEU C 173 -18.07 -18.17 30.62
C LEU C 173 -16.91 -19.15 30.51
N TYR C 174 -16.20 -19.34 31.61
CA TYR C 174 -14.99 -20.15 31.64
C TYR C 174 -15.13 -21.21 32.72
N TRP C 175 -14.89 -22.48 32.36
CA TRP C 175 -14.91 -23.60 33.28
C TRP C 175 -13.49 -24.11 33.47
N PHE C 176 -13.00 -24.03 34.71
CA PHE C 176 -11.68 -24.51 35.09
C PHE C 176 -11.81 -25.64 36.12
N LEU C 177 -10.75 -26.45 36.23
CA LEU C 177 -10.68 -27.51 37.22
C LEU C 177 -9.32 -27.48 37.90
N GLN C 178 -9.33 -27.62 39.23
CA GLN C 178 -8.12 -27.70 40.03
C GLN C 178 -8.10 -29.04 40.74
N ARG C 179 -7.08 -29.85 40.47
CA ARG C 179 -6.92 -31.12 41.15
C ARG C 179 -6.20 -30.91 42.47
N PRO C 180 -6.41 -31.82 43.45
CA PRO C 180 -5.77 -31.64 44.76
C PRO C 180 -4.26 -31.59 44.64
N GLY C 181 -3.66 -30.53 45.20
CA GLY C 181 -2.24 -30.33 45.14
C GLY C 181 -1.71 -29.86 43.80
N GLN C 182 -2.59 -29.48 42.87
CA GLN C 182 -2.19 -29.08 41.53
C GLN C 182 -2.64 -27.65 41.27
N SER C 183 -2.46 -27.20 40.03
CA SER C 183 -2.83 -25.87 39.57
C SER C 183 -4.04 -25.96 38.65
N PRO C 184 -4.87 -24.93 38.60
CA PRO C 184 -6.05 -24.97 37.73
C PRO C 184 -5.67 -25.08 36.27
N GLN C 185 -6.50 -25.78 35.51
CA GLN C 185 -6.33 -25.93 34.07
C GLN C 185 -7.66 -25.65 33.38
N LEU C 186 -7.59 -25.07 32.20
CA LEU C 186 -8.79 -24.67 31.47
C LEU C 186 -9.51 -25.88 30.92
N LEU C 187 -10.78 -26.05 31.29
CA LEU C 187 -11.61 -27.09 30.68
C LEU C 187 -12.38 -26.55 29.48
N ILE C 188 -13.19 -25.52 29.70
CA ILE C 188 -14.02 -24.96 28.64
C ILE C 188 -13.86 -23.45 28.60
N TYR C 189 -13.63 -22.91 27.40
CA TYR C 189 -13.56 -21.48 27.17
C TYR C 189 -14.76 -21.02 26.35
N ARG C 190 -15.35 -19.90 26.77
CA ARG C 190 -16.52 -19.29 26.13
C ARG C 190 -17.74 -20.21 26.15
N MET C 191 -17.85 -21.04 27.19
CA MET C 191 -19.08 -21.73 27.58
C MET C 191 -19.47 -22.85 26.62
N SER C 192 -18.80 -22.96 25.47
CA SER C 192 -19.17 -23.98 24.49
C SER C 192 -17.98 -24.66 23.83
N ASN C 193 -16.75 -24.28 24.13
CA ASN C 193 -15.58 -24.80 23.43
C ASN C 193 -14.59 -25.38 24.45
N LEU C 194 -14.09 -26.58 24.15
CA LEU C 194 -13.16 -27.27 25.02
C LEU C 194 -11.72 -26.90 24.68
N ALA C 195 -10.90 -26.75 25.72
CA ALA C 195 -9.49 -26.46 25.52
C ALA C 195 -8.77 -27.66 24.93
N SER C 196 -7.64 -27.40 24.28
CA SER C 196 -6.85 -28.47 23.68
C SER C 196 -6.28 -29.40 24.74
N GLY C 197 -6.09 -30.65 24.37
CA GLY C 197 -5.60 -31.65 25.30
C GLY C 197 -6.56 -31.97 26.43
N VAL C 198 -7.84 -32.13 26.12
CA VAL C 198 -8.85 -32.42 27.14
C VAL C 198 -9.66 -33.63 26.68
N PRO C 199 -10.16 -34.45 27.59
CA PRO C 199 -11.02 -35.57 27.18
C PRO C 199 -12.32 -35.09 26.56
N ASP C 200 -12.85 -35.90 25.64
CA ASP C 200 -14.10 -35.57 24.96
C ASP C 200 -15.32 -35.77 25.84
N ARG C 201 -15.18 -36.39 27.02
CA ARG C 201 -16.33 -36.61 27.89
C ARG C 201 -16.89 -35.29 28.42
N PHE C 202 -16.01 -34.32 28.67
CA PHE C 202 -16.47 -33.03 29.17
C PHE C 202 -17.26 -32.29 28.10
N SER C 203 -18.32 -31.60 28.53
CA SER C 203 -19.10 -30.77 27.63
C SER C 203 -19.74 -29.64 28.44
N GLY C 204 -20.10 -28.58 27.74
CA GLY C 204 -20.74 -27.44 28.37
C GLY C 204 -21.85 -26.89 27.50
N SER C 205 -22.88 -26.38 28.15
CA SER C 205 -24.03 -25.82 27.44
C SER C 205 -24.70 -24.80 28.35
N GLY C 206 -25.84 -24.28 27.89
CA GLY C 206 -26.62 -23.38 28.70
C GLY C 206 -27.21 -22.21 27.94
N SER C 207 -28.03 -21.42 28.63
CA SER C 207 -28.68 -20.25 28.05
C SER C 207 -27.85 -18.99 28.35
N GLY C 208 -28.42 -17.83 28.07
CA GLY C 208 -27.70 -16.59 28.30
C GLY C 208 -27.41 -16.33 29.76
N THR C 209 -28.33 -16.73 30.64
CA THR C 209 -28.19 -16.49 32.07
C THR C 209 -27.91 -17.76 32.87
N ALA C 210 -28.09 -18.95 32.27
CA ALA C 210 -27.86 -20.21 32.96
C ALA C 210 -26.90 -21.06 32.13
N PHE C 211 -26.02 -21.78 32.82
CA PHE C 211 -25.03 -22.62 32.18
C PHE C 211 -24.90 -23.93 32.94
N THR C 212 -24.37 -24.94 32.26
CA THR C 212 -24.24 -26.26 32.85
C THR C 212 -23.03 -26.96 32.25
N LEU C 213 -22.39 -27.79 33.08
CA LEU C 213 -21.24 -28.60 32.73
C LEU C 213 -21.59 -30.07 32.90
N THR C 214 -21.34 -30.87 31.87
CA THR C 214 -21.66 -32.29 31.88
C THR C 214 -20.39 -33.12 31.74
N ILE C 215 -20.25 -34.11 32.61
CA ILE C 215 -19.13 -35.05 32.56
C ILE C 215 -19.72 -36.44 32.30
N SER C 216 -19.29 -37.08 31.22
CA SER C 216 -19.84 -38.37 30.84
C SER C 216 -19.35 -39.48 31.77
N ARG C 217 -18.05 -39.49 32.08
CA ARG C 217 -17.45 -40.54 32.88
C ARG C 217 -16.56 -39.94 33.96
N LEU C 218 -16.41 -40.68 35.06
CA LEU C 218 -15.61 -40.24 36.20
C LEU C 218 -14.44 -41.18 36.39
N GLU C 219 -13.25 -40.61 36.58
CA GLU C 219 -12.04 -41.34 36.87
C GLU C 219 -11.32 -40.66 38.03
N ALA C 220 -10.18 -41.23 38.43
CA ALA C 220 -9.38 -40.60 39.47
C ALA C 220 -8.82 -39.26 39.04
N GLU C 221 -8.69 -39.02 37.73
CA GLU C 221 -8.21 -37.75 37.23
C GLU C 221 -9.27 -36.65 37.32
N ASP C 222 -10.55 -37.02 37.24
CA ASP C 222 -11.63 -36.04 37.17
C ASP C 222 -12.05 -35.51 38.52
N VAL C 223 -11.53 -36.06 39.62
CA VAL C 223 -11.91 -35.61 40.95
C VAL C 223 -11.15 -34.32 41.27
N GLY C 224 -11.88 -33.28 41.65
CA GLY C 224 -11.26 -32.02 41.97
C GLY C 224 -12.29 -30.93 42.16
N VAL C 225 -11.81 -29.70 42.23
CA VAL C 225 -12.64 -28.53 42.48
C VAL C 225 -12.87 -27.81 41.16
N TYR C 226 -14.13 -27.67 40.77
CA TYR C 226 -14.51 -27.00 39.53
C TYR C 226 -14.90 -25.57 39.82
N TYR C 227 -14.45 -24.65 38.95
CA TYR C 227 -14.67 -23.23 39.11
C TYR C 227 -15.24 -22.64 37.83
N CYS C 228 -16.10 -21.64 37.99
CA CYS C 228 -16.70 -20.90 36.89
C CYS C 228 -16.33 -19.43 37.00
N MET C 229 -15.96 -18.83 35.86
CA MET C 229 -15.51 -17.44 35.83
C MET C 229 -16.15 -16.74 34.64
N GLN C 230 -16.25 -15.42 34.75
CA GLN C 230 -16.79 -14.59 33.68
C GLN C 230 -15.73 -13.62 33.19
N HIS C 231 -15.73 -13.37 31.88
CA HIS C 231 -14.81 -12.42 31.25
C HIS C 231 -15.55 -11.29 30.54
N LEU C 232 -16.82 -11.07 30.89
CA LEU C 232 -17.60 -10.03 30.21
C LEU C 232 -17.02 -8.64 30.45
N GLU C 233 -16.60 -8.36 31.69
CA GLU C 233 -16.06 -7.06 32.03
C GLU C 233 -15.10 -7.21 33.20
N TYR C 234 -14.24 -6.21 33.37
CA TYR C 234 -13.33 -6.27 34.50
C TYR C 234 -13.96 -5.58 35.70
N PRO C 235 -13.73 -6.08 36.92
CA PRO C 235 -12.90 -7.24 37.28
C PRO C 235 -13.54 -8.57 36.93
N LEU C 236 -12.73 -9.59 36.64
CA LEU C 236 -13.24 -10.93 36.36
C LEU C 236 -13.51 -11.64 37.68
N THR C 237 -14.74 -12.09 37.87
CA THR C 237 -15.16 -12.70 39.13
C THR C 237 -15.32 -14.20 38.95
N PHE C 238 -14.68 -14.96 39.84
CA PHE C 238 -14.83 -16.40 39.85
C PHE C 238 -16.13 -16.79 40.55
N GLY C 239 -16.50 -18.07 40.38
CA GLY C 239 -17.63 -18.64 41.08
C GLY C 239 -17.21 -19.31 42.37
N ALA C 240 -18.01 -20.28 42.79
CA ALA C 240 -17.68 -21.10 43.95
C ALA C 240 -17.05 -22.42 43.49
N GLY C 241 -16.42 -23.10 44.43
CA GLY C 241 -15.75 -24.34 44.13
C GLY C 241 -16.61 -25.57 44.32
N THR C 242 -16.94 -26.25 43.22
CA THR C 242 -17.73 -27.48 43.28
C THR C 242 -16.79 -28.66 43.44
N LYS C 243 -16.87 -29.34 44.58
CA LYS C 243 -15.94 -30.42 44.90
C LYS C 243 -16.49 -31.74 44.37
N LEU C 244 -16.11 -32.08 43.14
CA LEU C 244 -16.52 -33.34 42.53
C LEU C 244 -15.57 -34.43 43.00
N GLU C 245 -16.10 -35.38 43.77
CA GLU C 245 -15.29 -36.46 44.34
C GLU C 245 -16.12 -37.72 44.40
N LEU C 246 -15.44 -38.85 44.47
CA LEU C 246 -16.10 -40.15 44.56
C LEU C 246 -16.38 -40.53 46.00
N VAL D 30 -26.57 -30.24 -25.02
CA VAL D 30 -26.38 -28.83 -24.75
C VAL D 30 -27.65 -28.24 -24.14
N SER D 31 -28.79 -28.54 -24.75
CA SER D 31 -30.06 -28.04 -24.24
C SER D 31 -30.35 -28.59 -22.85
N LYS D 32 -30.07 -29.87 -22.63
CA LYS D 32 -30.30 -30.47 -21.32
C LYS D 32 -29.40 -29.83 -20.26
N ALA D 33 -28.14 -29.58 -20.59
CA ALA D 33 -27.23 -28.95 -19.65
C ALA D 33 -27.69 -27.53 -19.30
N ALA D 34 -28.13 -26.77 -20.31
CA ALA D 34 -28.64 -25.42 -20.06
C ALA D 34 -29.88 -25.46 -19.19
N ALA D 35 -30.79 -26.39 -19.47
CA ALA D 35 -32.00 -26.52 -18.66
C ALA D 35 -31.67 -26.87 -17.21
N ASP D 36 -30.70 -27.79 -17.02
CA ASP D 36 -30.29 -28.14 -15.66
C ASP D 36 -29.66 -26.94 -14.95
N LEU D 37 -28.86 -26.16 -15.68
CA LEU D 37 -28.25 -24.97 -15.08
C LEU D 37 -29.31 -23.97 -14.66
N MET D 38 -30.31 -23.73 -15.51
CA MET D 38 -31.39 -22.81 -15.15
C MET D 38 -32.19 -23.34 -13.96
N ALA D 39 -32.46 -24.65 -13.94
CA ALA D 39 -33.19 -25.22 -12.81
C ALA D 39 -32.42 -25.07 -11.51
N TYR D 40 -31.11 -25.32 -11.55
CA TYR D 40 -30.30 -25.16 -10.34
C TYR D 40 -30.26 -23.71 -9.90
N CYS D 41 -30.14 -22.79 -10.86
CA CYS D 41 -30.12 -21.37 -10.52
C CYS D 41 -31.43 -20.92 -9.89
N GLU D 42 -32.56 -21.39 -10.43
CA GLU D 42 -33.85 -21.03 -9.87
C GLU D 42 -34.07 -21.65 -8.50
N ALA D 43 -33.59 -22.88 -8.30
CA ALA D 43 -33.77 -23.56 -7.02
C ALA D 43 -33.06 -22.83 -5.89
N HIS D 44 -31.84 -22.36 -6.13
CA HIS D 44 -31.02 -21.74 -5.10
C HIS D 44 -31.03 -20.22 -5.16
N ALA D 45 -31.92 -19.62 -5.95
CA ALA D 45 -31.99 -18.17 -6.05
C ALA D 45 -32.48 -17.50 -4.78
N LYS D 46 -33.09 -18.26 -3.85
CA LYS D 46 -33.64 -17.66 -2.64
C LYS D 46 -32.56 -17.31 -1.63
N GLU D 47 -31.41 -17.98 -1.66
CA GLU D 47 -30.37 -17.84 -0.66
C GLU D 47 -29.14 -17.13 -1.21
N ASP D 48 -29.35 -16.10 -2.04
CA ASP D 48 -28.26 -15.30 -2.60
C ASP D 48 -28.26 -13.93 -1.96
N PRO D 49 -27.48 -13.72 -0.90
CA PRO D 49 -27.45 -12.39 -0.25
C PRO D 49 -26.99 -11.27 -1.16
N LEU D 50 -26.16 -11.57 -2.15
CA LEU D 50 -25.69 -10.53 -3.07
C LEU D 50 -26.78 -10.14 -4.07
N LEU D 51 -27.58 -11.12 -4.52
CA LEU D 51 -28.63 -10.83 -5.48
C LEU D 51 -29.74 -9.99 -4.85
N THR D 52 -30.21 -10.41 -3.68
CA THR D 52 -31.28 -9.70 -2.99
C THR D 52 -30.68 -8.85 -1.88
N PRO D 53 -30.85 -7.52 -1.91
CA PRO D 53 -30.25 -6.67 -0.86
C PRO D 53 -30.71 -7.06 0.55
N VAL D 54 -29.76 -7.52 1.35
CA VAL D 54 -30.06 -7.94 2.72
C VAL D 54 -30.41 -6.72 3.55
N PRO D 55 -31.36 -6.80 4.47
CA PRO D 55 -31.64 -5.66 5.35
C PRO D 55 -30.44 -5.33 6.23
N ALA D 56 -30.33 -4.06 6.61
CA ALA D 56 -29.18 -3.60 7.37
C ALA D 56 -29.07 -4.32 8.70
N SER D 57 -30.20 -4.61 9.35
CA SER D 57 -30.17 -5.36 10.60
C SER D 57 -29.60 -6.75 10.40
N GLU D 58 -30.01 -7.43 9.32
CA GLU D 58 -29.49 -8.75 9.01
C GLU D 58 -28.13 -8.70 8.34
N ASN D 59 -27.73 -7.55 7.82
CA ASN D 59 -26.45 -7.43 7.13
C ASN D 59 -25.30 -7.60 8.12
N PRO D 60 -24.34 -8.51 7.87
CA PRO D 60 -23.19 -8.72 8.76
C PRO D 60 -22.19 -7.57 8.69
N ASP E 290 8.85 76.32 -9.02
CA ASP E 290 8.07 75.18 -8.55
C ASP E 290 7.95 74.11 -9.62
N CYS E 291 7.52 72.92 -9.22
CA CYS E 291 7.40 71.77 -10.11
C CYS E 291 5.93 71.39 -10.22
N LEU E 292 5.39 71.42 -11.44
CA LEU E 292 4.00 71.09 -11.70
C LEU E 292 3.93 69.77 -12.47
N PHE E 293 3.17 68.82 -11.94
CA PHE E 293 3.05 67.49 -12.51
C PHE E 293 1.71 67.30 -13.22
N ASP E 294 1.19 68.36 -13.83
CA ASP E 294 -0.07 68.24 -14.55
C ASP E 294 0.10 67.50 -15.87
N GLY E 295 1.22 67.71 -16.56
CA GLY E 295 1.43 67.05 -17.83
C GLY E 295 1.68 65.56 -17.69
N VAL E 296 2.54 65.18 -16.74
CA VAL E 296 2.83 63.76 -16.53
C VAL E 296 1.58 63.01 -16.12
N ASN E 297 0.72 63.65 -15.32
CA ASN E 297 -0.51 62.99 -14.90
C ASN E 297 -1.52 62.94 -16.05
N GLU E 298 -1.62 64.03 -16.82
CA GLU E 298 -2.50 64.05 -17.98
C GLU E 298 -2.13 62.96 -18.98
N LEU E 299 -0.84 62.64 -19.09
CA LEU E 299 -0.43 61.57 -20.00
C LEU E 299 -0.63 60.20 -19.35
N MET E 300 -0.31 60.08 -18.07
CA MET E 300 -0.30 58.77 -17.43
C MET E 300 -1.72 58.27 -17.18
N LYS E 301 -2.70 59.16 -17.04
CA LYS E 301 -4.08 58.69 -16.90
C LYS E 301 -4.50 57.92 -18.14
N THR E 302 -4.33 58.54 -19.32
CA THR E 302 -4.66 57.86 -20.57
C THR E 302 -3.76 56.66 -20.80
N LEU E 303 -2.52 56.70 -20.31
CA LEU E 303 -1.65 55.54 -20.48
C LEU E 303 -2.17 54.33 -19.69
N GLN E 304 -2.59 54.56 -18.45
CA GLN E 304 -3.26 53.49 -17.69
C GLN E 304 -4.53 53.04 -18.42
N PHE E 305 -5.38 53.99 -18.82
CA PHE E 305 -6.61 53.65 -19.50
C PHE E 305 -6.38 52.90 -20.81
N ALA E 306 -5.18 52.98 -21.37
CA ALA E 306 -4.86 52.28 -22.61
C ALA E 306 -4.21 50.93 -22.39
N VAL E 307 -3.42 50.77 -21.33
CA VAL E 307 -2.65 49.55 -21.12
C VAL E 307 -3.33 48.61 -20.13
N HIS E 308 -3.88 49.13 -19.04
CA HIS E 308 -4.36 48.28 -17.95
C HIS E 308 -5.66 47.55 -18.30
N ILE E 309 -6.56 48.18 -19.06
CA ILE E 309 -7.85 47.56 -19.38
C ILE E 309 -7.66 46.24 -20.10
N PRO E 310 -6.91 46.16 -21.21
CA PRO E 310 -6.73 44.84 -21.83
C PRO E 310 -5.84 43.92 -21.02
N THR E 311 -4.97 44.47 -20.17
CA THR E 311 -4.19 43.63 -19.27
C THR E 311 -5.10 42.88 -18.31
N PHE E 312 -6.01 43.61 -17.66
CA PHE E 312 -6.98 42.97 -16.77
C PHE E 312 -7.89 42.02 -17.54
N VAL E 313 -8.35 42.45 -18.72
CA VAL E 313 -9.29 41.64 -19.49
C VAL E 313 -8.66 40.30 -19.87
N LEU E 314 -7.41 40.31 -20.32
CA LEU E 314 -6.75 39.07 -20.69
C LEU E 314 -6.38 38.25 -19.46
N GLY E 315 -5.84 38.89 -18.42
CA GLY E 315 -5.41 38.16 -17.25
C GLY E 315 -6.54 37.47 -16.51
N LEU E 316 -7.72 38.08 -16.51
CA LEU E 316 -8.87 37.47 -15.84
C LEU E 316 -9.20 36.11 -16.45
N LEU E 317 -9.40 36.08 -17.77
CA LEU E 317 -9.71 34.81 -18.44
C LEU E 317 -8.52 33.86 -18.37
N LEU E 318 -7.29 34.38 -18.43
CA LEU E 318 -6.12 33.52 -18.42
C LEU E 318 -5.99 32.80 -17.08
N ASN E 319 -6.24 33.50 -15.98
CA ASN E 319 -6.16 32.85 -14.67
C ASN E 319 -7.38 31.98 -14.41
N LEU E 320 -8.56 32.39 -14.89
CA LEU E 320 -9.75 31.55 -14.74
C LEU E 320 -9.66 30.28 -15.57
N LEU E 321 -8.80 30.25 -16.58
CA LEU E 321 -8.52 29.02 -17.32
C LEU E 321 -7.39 28.22 -16.68
N ALA E 322 -6.36 28.91 -16.17
CA ALA E 322 -5.24 28.21 -15.54
C ALA E 322 -5.68 27.49 -14.27
N ILE E 323 -6.59 28.10 -13.49
CA ILE E 323 -7.01 27.49 -12.23
C ILE E 323 -7.83 26.23 -12.50
N HIS E 324 -8.84 26.34 -13.37
CA HIS E 324 -9.66 25.17 -13.70
C HIS E 324 -8.83 24.10 -14.39
N GLY E 325 -7.86 24.49 -15.21
CA GLY E 325 -7.04 23.51 -15.91
C GLY E 325 -6.20 22.68 -14.96
N PHE E 326 -5.65 23.30 -13.93
CA PHE E 326 -4.82 22.61 -12.94
C PHE E 326 -5.63 21.98 -11.82
N SER E 327 -6.88 22.40 -11.61
CA SER E 327 -7.73 21.75 -10.63
C SER E 327 -8.06 20.30 -11.01
N THR E 328 -7.93 19.93 -12.28
CA THR E 328 -8.14 18.55 -12.69
C THR E 328 -7.03 17.66 -12.17
N PHE E 329 -5.79 18.16 -12.17
CA PHE E 329 -4.65 17.37 -11.71
C PHE E 329 -4.70 17.08 -10.21
N LEU E 330 -5.48 17.86 -9.45
CA LEU E 330 -5.65 17.61 -8.03
C LEU E 330 -6.76 16.60 -7.73
N LYS E 331 -7.50 16.16 -8.76
CA LYS E 331 -8.57 15.19 -8.58
C LYS E 331 -8.33 13.88 -9.32
N ASN E 332 -7.41 13.84 -10.29
CA ASN E 332 -7.15 12.62 -11.05
C ASN E 332 -5.67 12.27 -11.18
N ARG E 333 -4.75 13.19 -10.90
CA ARG E 333 -3.32 12.95 -10.96
C ARG E 333 -2.65 13.46 -9.69
N TRP E 334 -3.26 13.12 -8.55
CA TRP E 334 -2.79 13.65 -7.26
C TRP E 334 -1.37 13.19 -6.92
N PRO E 335 -1.06 11.89 -6.86
CA PRO E 335 0.26 11.48 -6.33
C PRO E 335 1.43 11.93 -7.17
N ASP E 336 1.21 12.30 -8.44
CA ASP E 336 2.32 12.76 -9.27
C ASP E 336 2.47 14.28 -9.23
N TYR E 337 1.43 15.01 -9.60
CA TYR E 337 1.53 16.46 -9.79
C TYR E 337 0.88 17.29 -8.70
N ALA E 338 0.45 16.69 -7.58
CA ALA E 338 -0.20 17.48 -6.54
C ALA E 338 0.75 18.49 -5.92
N ALA E 339 2.00 18.06 -5.67
CA ALA E 339 2.98 18.94 -5.05
C ALA E 339 3.23 20.18 -5.89
N THR E 340 3.27 20.02 -7.22
CA THR E 340 3.45 21.17 -8.09
C THR E 340 2.17 22.00 -8.18
N SER E 341 1.03 21.32 -8.28
CA SER E 341 -0.24 22.02 -8.46
C SER E 341 -0.56 22.91 -7.28
N ILE E 342 -0.05 22.57 -6.09
CA ILE E 342 -0.32 23.41 -4.92
C ILE E 342 0.20 24.83 -5.15
N TYR E 343 1.51 24.99 -5.34
CA TYR E 343 2.02 26.34 -5.50
C TYR E 343 1.66 26.94 -6.85
N MET E 344 1.40 26.10 -7.87
CA MET E 344 0.88 26.64 -9.13
C MET E 344 -0.45 27.35 -8.90
N ILE E 345 -1.37 26.70 -8.20
CA ILE E 345 -2.68 27.30 -7.91
C ILE E 345 -2.53 28.50 -6.99
N ASN E 346 -1.55 28.46 -6.07
CA ASN E 346 -1.30 29.62 -5.22
C ASN E 346 -0.90 30.83 -6.06
N LEU E 347 0.06 30.65 -6.97
CA LEU E 347 0.46 31.74 -7.86
C LEU E 347 -0.71 32.21 -8.73
N ALA E 348 -1.51 31.26 -9.22
CA ALA E 348 -2.65 31.62 -10.06
C ALA E 348 -3.65 32.47 -9.30
N VAL E 349 -3.90 32.15 -8.03
CA VAL E 349 -4.90 32.90 -7.27
C VAL E 349 -4.34 34.25 -6.84
N PHE E 350 -3.02 34.36 -6.67
CA PHE E 350 -2.45 35.69 -6.43
C PHE E 350 -2.59 36.57 -7.68
N ASP E 351 -2.32 35.99 -8.85
CA ASP E 351 -2.50 36.74 -10.10
C ASP E 351 -3.95 37.13 -10.29
N LEU E 352 -4.88 36.25 -9.92
CA LEU E 352 -6.29 36.57 -10.06
C LEU E 352 -6.72 37.67 -9.10
N LEU E 353 -6.18 37.66 -7.88
CA LEU E 353 -6.49 38.72 -6.93
C LEU E 353 -6.00 40.07 -7.44
N LEU E 354 -4.79 40.11 -8.00
CA LEU E 354 -4.28 41.36 -8.57
C LEU E 354 -5.12 41.80 -9.77
N VAL E 355 -5.51 40.85 -10.61
CA VAL E 355 -6.32 41.17 -11.78
C VAL E 355 -7.66 41.76 -11.37
N LEU E 356 -8.26 41.22 -10.29
CA LEU E 356 -9.53 41.74 -9.84
C LEU E 356 -9.37 43.08 -9.13
N SER E 357 -8.23 43.33 -8.52
CA SER E 357 -7.97 44.63 -7.92
C SER E 357 -7.67 45.71 -8.96
N LEU E 358 -7.27 45.31 -10.18
CA LEU E 358 -6.96 46.30 -11.21
C LEU E 358 -8.11 47.27 -11.52
N PRO E 359 -9.35 46.82 -11.79
CA PRO E 359 -10.36 47.79 -12.24
C PRO E 359 -10.77 48.79 -11.17
N PHE E 360 -10.44 48.53 -9.91
CA PHE E 360 -10.83 49.45 -8.86
C PHE E 360 -9.88 50.63 -8.78
N LYS E 361 -8.57 50.37 -8.86
CA LYS E 361 -7.63 51.49 -9.05
C LYS E 361 -7.88 52.18 -10.38
N MET E 362 -8.33 51.43 -11.38
CA MET E 362 -8.71 52.05 -12.65
C MET E 362 -9.80 53.09 -12.44
N VAL E 363 -10.84 52.72 -11.70
CA VAL E 363 -11.95 53.64 -11.44
C VAL E 363 -11.50 54.81 -10.55
N LEU E 364 -10.71 54.51 -9.52
CA LEU E 364 -10.33 55.54 -8.56
C LEU E 364 -9.04 56.26 -8.93
N SER E 365 -8.57 56.13 -10.17
CA SER E 365 -7.45 56.92 -10.63
C SER E 365 -7.88 58.24 -11.27
N GLN E 366 -9.17 58.45 -11.46
CA GLN E 366 -9.71 59.67 -12.05
C GLN E 366 -10.73 60.36 -11.15
N VAL E 367 -11.50 59.61 -10.38
CA VAL E 367 -12.54 60.16 -9.53
C VAL E 367 -12.32 59.69 -8.09
N GLN E 368 -12.86 60.45 -7.15
CA GLN E 368 -12.77 60.15 -5.73
C GLN E 368 -14.12 59.66 -5.22
N SER E 369 -14.11 58.52 -4.54
CA SER E 369 -15.35 58.08 -3.92
C SER E 369 -15.35 58.47 -2.44
N PRO E 370 -16.50 58.87 -1.90
CA PRO E 370 -16.54 59.32 -0.49
C PRO E 370 -16.37 58.16 0.49
N PHE E 371 -15.19 57.56 0.50
CA PHE E 371 -14.91 56.42 1.39
C PHE E 371 -13.42 56.34 1.67
N PRO E 372 -13.01 56.37 2.93
CA PRO E 372 -11.58 56.21 3.27
C PRO E 372 -11.14 54.76 3.50
N SER E 373 -11.97 53.78 3.18
CA SER E 373 -11.64 52.39 3.37
C SER E 373 -11.52 51.60 2.07
N LEU E 374 -12.22 52.03 1.02
CA LEU E 374 -12.13 51.32 -0.26
C LEU E 374 -10.75 51.45 -0.87
N CYS E 375 -10.16 52.66 -0.80
CA CYS E 375 -8.80 52.84 -1.30
C CYS E 375 -7.81 52.00 -0.52
N THR E 376 -7.94 51.97 0.81
CA THR E 376 -7.03 51.16 1.61
C THR E 376 -7.15 49.68 1.27
N LEU E 377 -8.38 49.19 1.13
CA LEU E 377 -8.58 47.79 0.77
C LEU E 377 -7.99 47.48 -0.61
N VAL E 378 -8.21 48.36 -1.59
CA VAL E 378 -7.71 48.12 -2.93
C VAL E 378 -6.19 48.14 -2.96
N GLU E 379 -5.58 49.11 -2.28
CA GLU E 379 -4.11 49.17 -2.22
C GLU E 379 -3.54 47.92 -1.56
N CYS E 380 -4.15 47.50 -0.44
CA CYS E 380 -3.68 46.31 0.25
C CYS E 380 -3.78 45.08 -0.63
N LEU E 381 -4.91 44.92 -1.33
CA LEU E 381 -5.06 43.76 -2.18
C LEU E 381 -4.08 43.76 -3.33
N TYR E 382 -3.95 44.91 -4.02
CA TYR E 382 -2.96 45.09 -5.07
C TYR E 382 -1.58 44.62 -4.63
N PHE E 383 -1.04 45.27 -3.59
CA PHE E 383 0.36 45.01 -3.24
C PHE E 383 0.55 43.64 -2.61
N VAL E 384 -0.44 43.14 -1.88
CA VAL E 384 -0.37 41.79 -1.33
C VAL E 384 -0.30 40.76 -2.44
N SER E 385 -1.15 40.92 -3.47
CA SER E 385 -1.12 39.99 -4.59
C SER E 385 0.21 40.05 -5.31
N MET E 386 0.74 41.26 -5.53
CA MET E 386 2.01 41.38 -6.25
C MET E 386 3.15 40.71 -5.49
N TYR E 387 3.36 41.10 -4.24
CA TYR E 387 4.46 40.53 -3.47
C TYR E 387 4.16 39.13 -2.93
N GLY E 388 2.97 38.59 -3.19
CA GLY E 388 2.73 37.19 -2.94
C GLY E 388 3.10 36.36 -4.15
N SER E 389 2.76 36.86 -5.34
CA SER E 389 3.19 36.19 -6.56
C SER E 389 4.71 36.15 -6.66
N VAL E 390 5.37 37.23 -6.25
CA VAL E 390 6.84 37.26 -6.28
C VAL E 390 7.41 36.15 -5.40
N PHE E 391 6.92 36.06 -4.16
CA PHE E 391 7.42 35.05 -3.22
C PHE E 391 7.11 33.65 -3.71
N THR E 392 5.93 33.45 -4.31
CA THR E 392 5.58 32.14 -4.85
C THR E 392 6.54 31.74 -5.96
N ILE E 393 6.88 32.66 -6.86
CA ILE E 393 7.83 32.34 -7.93
C ILE E 393 9.19 32.00 -7.35
N CYS E 394 9.64 32.79 -6.36
CA CYS E 394 10.93 32.50 -5.73
C CYS E 394 10.93 31.12 -5.09
N PHE E 395 9.84 30.75 -4.42
CA PHE E 395 9.78 29.43 -3.79
C PHE E 395 9.72 28.32 -4.83
N ILE E 396 9.06 28.56 -5.96
CA ILE E 396 9.06 27.57 -7.04
C ILE E 396 10.48 27.31 -7.52
N SER E 397 11.25 28.38 -7.73
CA SER E 397 12.64 28.22 -8.17
C SER E 397 13.45 27.47 -7.11
N MET E 398 13.25 27.81 -5.84
CA MET E 398 13.99 27.17 -4.77
C MET E 398 13.66 25.68 -4.71
N ASP E 399 12.39 25.34 -4.89
CA ASP E 399 11.97 23.94 -4.85
C ASP E 399 12.53 23.17 -6.03
N ARG E 400 12.58 23.78 -7.21
CA ARG E 400 13.20 23.12 -8.36
C ARG E 400 14.68 22.87 -8.11
N PHE E 401 15.39 23.87 -7.58
CA PHE E 401 16.81 23.70 -7.33
C PHE E 401 17.06 22.60 -6.29
N LEU E 402 16.21 22.53 -5.26
CA LEU E 402 16.37 21.47 -4.27
C LEU E 402 16.07 20.10 -4.85
N ALA E 403 15.01 19.98 -5.65
CA ALA E 403 14.69 18.72 -6.30
C ALA E 403 15.76 18.28 -7.29
N ILE E 404 16.56 19.21 -7.81
CA ILE E 404 17.59 18.85 -8.79
C ILE E 404 18.92 18.56 -8.13
N ARG E 405 19.35 19.42 -7.18
CA ARG E 405 20.67 19.28 -6.59
C ARG E 405 20.79 18.00 -5.76
N TYR E 406 19.72 17.64 -5.03
CA TYR E 406 19.69 16.44 -4.20
C TYR E 406 18.43 15.66 -4.55
N PRO E 407 18.52 14.78 -5.55
CA PRO E 407 17.30 14.03 -5.95
C PRO E 407 16.93 12.94 -4.96
N LEU E 408 17.92 12.27 -4.35
CA LEU E 408 17.61 11.19 -3.44
C LEU E 408 17.10 11.72 -2.10
N LEU E 409 17.65 12.84 -1.64
CA LEU E 409 17.17 13.45 -0.39
C LEU E 409 15.71 13.87 -0.51
N VAL E 410 15.32 14.45 -1.66
CA VAL E 410 13.95 14.92 -1.84
C VAL E 410 13.05 13.86 -2.45
N SER E 411 13.57 12.67 -2.76
CA SER E 411 12.69 11.58 -3.16
C SER E 411 11.84 11.08 -2.01
N HIS E 412 12.26 11.33 -0.77
CA HIS E 412 11.52 10.91 0.41
C HIS E 412 10.85 12.08 1.13
N LEU E 413 11.57 13.19 1.32
CA LEU E 413 11.02 14.35 2.01
C LEU E 413 10.46 15.34 0.99
N ARG E 414 9.36 14.94 0.36
CA ARG E 414 8.63 15.81 -0.55
C ARG E 414 7.18 15.34 -0.60
N SER E 415 6.32 16.05 0.13
CA SER E 415 4.91 15.75 0.26
C SER E 415 4.12 17.05 0.19
N PRO E 416 2.85 17.00 -0.20
CA PRO E 416 2.07 18.25 -0.31
C PRO E 416 1.75 18.88 1.04
N ARG E 417 2.08 18.23 2.15
CA ARG E 417 1.85 18.84 3.46
C ARG E 417 2.87 19.94 3.73
N LYS E 418 4.14 19.66 3.41
CA LYS E 418 5.17 20.68 3.54
C LYS E 418 4.88 21.87 2.66
N ILE E 419 4.42 21.62 1.43
CA ILE E 419 4.16 22.72 0.51
C ILE E 419 2.91 23.49 0.92
N PHE E 420 1.90 22.81 1.48
CA PHE E 420 0.76 23.52 2.05
C PHE E 420 1.19 24.43 3.18
N GLY E 421 2.06 23.93 4.07
CA GLY E 421 2.57 24.77 5.14
C GLY E 421 3.39 25.94 4.63
N ILE E 422 4.13 25.72 3.54
CA ILE E 422 4.96 26.78 2.99
C ILE E 422 4.11 27.86 2.34
N CYS E 423 3.05 27.46 1.64
CA CYS E 423 2.11 28.44 1.09
C CYS E 423 1.40 29.20 2.20
N CYS E 424 1.02 28.50 3.28
CA CYS E 424 0.37 29.18 4.40
C CYS E 424 1.30 30.21 5.03
N THR E 425 2.57 29.84 5.25
CA THR E 425 3.50 30.82 5.81
C THR E 425 3.82 31.93 4.83
N ILE E 426 3.70 31.68 3.53
CA ILE E 426 3.89 32.74 2.54
C ILE E 426 2.77 33.78 2.66
N TRP E 427 1.52 33.31 2.68
CA TRP E 427 0.40 34.23 2.93
C TRP E 427 0.58 34.98 4.24
N VAL E 428 0.95 34.26 5.30
CA VAL E 428 1.05 34.89 6.63
C VAL E 428 2.12 35.98 6.61
N LEU E 429 3.31 35.66 6.08
CA LEU E 429 4.40 36.62 6.03
C LEU E 429 4.05 37.82 5.18
N VAL E 430 3.40 37.59 4.04
CA VAL E 430 3.01 38.69 3.16
C VAL E 430 2.06 39.63 3.90
N TRP E 431 1.07 39.06 4.60
CA TRP E 431 0.11 39.89 5.30
C TRP E 431 0.75 40.69 6.43
N THR E 432 1.60 40.04 7.24
CA THR E 432 2.17 40.76 8.38
C THR E 432 3.19 41.81 7.92
N GLY E 433 3.89 41.56 6.82
CA GLY E 433 4.77 42.57 6.28
C GLY E 433 4.10 43.61 5.41
N SER E 434 2.82 43.42 5.10
CA SER E 434 2.10 44.32 4.21
C SER E 434 1.16 45.28 4.95
N ILE E 435 0.39 44.79 5.91
CA ILE E 435 -0.61 45.65 6.56
C ILE E 435 0.01 46.86 7.26
N PRO E 436 1.08 46.72 8.06
CA PRO E 436 1.66 47.91 8.71
C PRO E 436 2.27 48.92 7.74
N ILE E 437 2.23 48.66 6.43
CA ILE E 437 2.68 49.63 5.44
C ILE E 437 1.52 50.43 4.89
N TYR E 438 0.48 49.77 4.40
CA TYR E 438 -0.70 50.47 3.90
C TYR E 438 -1.54 51.08 5.01
N SER E 439 -1.27 50.74 6.28
CA SER E 439 -2.02 51.37 7.36
C SER E 439 -1.64 52.84 7.54
N PHE E 440 -0.56 53.30 6.89
CA PHE E 440 -0.10 54.67 6.95
C PHE E 440 0.05 55.25 5.54
N HIS E 441 -0.92 54.99 4.67
CA HIS E 441 -0.86 55.48 3.29
C HIS E 441 -1.58 56.83 3.14
N GLY E 442 -2.87 56.87 3.46
CA GLY E 442 -3.65 58.08 3.31
C GLY E 442 -3.28 59.18 4.28
N TYR E 447 -5.03 62.42 -1.08
CA TYR E 447 -6.30 62.94 -1.58
C TYR E 447 -6.96 62.00 -2.58
N MET E 448 -6.15 61.15 -3.21
CA MET E 448 -6.64 60.23 -4.23
C MET E 448 -6.11 58.83 -3.92
N CYS E 449 -6.27 57.91 -4.87
CA CYS E 449 -5.98 56.50 -4.65
C CYS E 449 -4.77 56.11 -5.48
N PHE E 450 -3.77 55.53 -4.81
CA PHE E 450 -2.45 55.28 -5.40
C PHE E 450 -1.79 56.58 -5.85
N HIS E 451 -1.89 57.61 -5.01
CA HIS E 451 -1.25 58.89 -5.28
C HIS E 451 -0.98 59.59 -3.96
N ASN E 452 0.12 60.34 -3.93
CA ASN E 452 0.49 61.20 -2.81
C ASN E 452 0.54 60.40 -1.50
N MET E 453 1.47 59.45 -1.45
CA MET E 453 1.66 58.65 -0.25
C MET E 453 2.17 59.53 0.90
N SER E 454 2.08 58.99 2.10
CA SER E 454 2.52 59.72 3.29
C SER E 454 4.03 59.90 3.27
N ASP E 455 4.50 60.80 4.15
CA ASP E 455 5.92 61.08 4.24
C ASP E 455 6.67 60.04 5.07
N ASP E 456 5.96 59.09 5.69
CA ASP E 456 6.61 57.98 6.37
C ASP E 456 6.56 56.69 5.57
N THR E 457 5.78 56.64 4.49
CA THR E 457 5.82 55.51 3.58
C THR E 457 7.11 55.49 2.78
N TRP E 458 7.65 56.68 2.47
CA TRP E 458 8.89 56.83 1.72
C TRP E 458 10.08 57.07 2.64
N SER E 459 10.08 56.46 3.82
CA SER E 459 11.19 56.56 4.75
C SER E 459 12.09 55.35 4.63
N ALA E 460 13.34 55.49 5.10
CA ALA E 460 14.31 54.42 4.98
C ALA E 460 13.84 53.15 5.70
N LYS E 461 13.30 53.32 6.92
CA LYS E 461 12.87 52.19 7.74
C LYS E 461 11.71 51.42 7.14
N VAL E 462 11.08 51.93 6.09
CA VAL E 462 9.96 51.26 5.46
C VAL E 462 10.19 51.05 3.96
N PHE E 463 11.25 51.63 3.40
CA PHE E 463 11.57 51.42 2.00
C PHE E 463 12.73 50.45 1.82
N PHE E 464 13.77 50.56 2.66
CA PHE E 464 14.87 49.61 2.57
C PHE E 464 14.43 48.18 2.81
N PRO E 465 13.61 47.86 3.82
CA PRO E 465 13.09 46.48 3.90
C PRO E 465 12.32 46.04 2.67
N LEU E 466 11.59 46.96 2.03
CA LEU E 466 10.83 46.59 0.84
C LEU E 466 11.77 46.19 -0.30
N GLU E 467 12.76 47.05 -0.60
CA GLU E 467 13.73 46.74 -1.63
C GLU E 467 14.49 45.45 -1.32
N VAL E 468 14.90 45.27 -0.06
CA VAL E 468 15.70 44.11 0.29
C VAL E 468 14.89 42.82 0.18
N PHE E 469 13.66 42.83 0.69
CA PHE E 469 12.86 41.63 0.83
C PHE E 469 11.93 41.38 -0.34
N GLY E 470 11.92 42.26 -1.35
CA GLY E 470 11.02 42.07 -2.46
C GLY E 470 11.69 42.03 -3.81
N PHE E 471 12.93 42.53 -3.88
CA PHE E 471 13.71 42.47 -5.10
C PHE E 471 15.07 41.80 -4.91
N LEU E 472 15.90 42.31 -4.00
CA LEU E 472 17.28 41.84 -3.88
C LEU E 472 17.33 40.34 -3.59
N LEU E 473 16.79 39.93 -2.45
CA LEU E 473 16.82 38.52 -2.07
C LEU E 473 16.08 37.63 -3.06
N PRO E 474 14.85 37.92 -3.48
CA PRO E 474 14.19 37.05 -4.46
C PRO E 474 14.94 36.97 -5.79
N MET E 475 15.51 38.08 -6.26
CA MET E 475 16.26 38.04 -7.51
C MET E 475 17.52 37.21 -7.37
N GLY E 476 18.25 37.37 -6.28
CA GLY E 476 19.43 36.56 -6.06
C GLY E 476 19.09 35.09 -5.96
N ILE E 477 17.99 34.75 -5.28
CA ILE E 477 17.60 33.35 -5.15
C ILE E 477 17.18 32.78 -6.49
N MET E 478 16.40 33.54 -7.26
CA MET E 478 16.02 33.12 -8.61
C MET E 478 17.26 32.87 -9.46
N GLY E 479 18.21 33.81 -9.45
CA GLY E 479 19.40 33.65 -10.27
C GLY E 479 20.22 32.44 -9.89
N PHE E 480 20.46 32.26 -8.59
CA PHE E 480 21.25 31.11 -8.15
C PHE E 480 20.54 29.80 -8.48
N CYS E 481 19.27 29.68 -8.08
CA CYS E 481 18.52 28.45 -8.28
C CYS E 481 18.24 28.15 -9.75
N CYS E 482 18.37 29.13 -10.64
CA CYS E 482 18.22 28.85 -12.06
C CYS E 482 19.57 28.52 -12.71
N SER E 483 20.62 29.28 -12.39
CA SER E 483 21.92 29.03 -13.00
C SER E 483 22.48 27.67 -12.57
N ARG E 484 22.40 27.37 -11.27
CA ARG E 484 22.89 26.08 -10.79
C ARG E 484 22.10 24.93 -11.39
N SER E 485 20.78 25.08 -11.46
CA SER E 485 19.93 24.03 -12.03
C SER E 485 20.26 23.82 -13.51
N ILE E 486 20.50 24.89 -14.25
CA ILE E 486 20.78 24.77 -15.68
C ILE E 486 22.15 24.11 -15.89
N HIS E 487 23.15 24.53 -15.10
CA HIS E 487 24.47 23.91 -15.20
C HIS E 487 24.41 22.43 -14.86
N ILE E 488 23.67 22.07 -13.81
CA ILE E 488 23.55 20.66 -13.43
C ILE E 488 22.86 19.86 -14.54
N LEU E 489 21.78 20.41 -15.10
CA LEU E 489 21.05 19.69 -16.13
C LEU E 489 21.85 19.59 -17.43
N LEU E 490 22.77 20.52 -17.67
CA LEU E 490 23.63 20.45 -18.83
C LEU E 490 24.83 19.55 -18.60
N GLY E 491 25.20 19.32 -17.34
CA GLY E 491 26.27 18.39 -17.03
C GLY E 491 25.87 16.92 -17.06
N ARG E 492 24.63 16.63 -17.45
CA ARG E 492 24.19 15.26 -17.64
C ARG E 492 24.68 14.65 -18.94
N ARG E 493 25.35 15.45 -19.79
CA ARG E 493 25.83 14.93 -21.06
C ARG E 493 26.88 13.83 -20.86
N ASP E 494 27.76 14.01 -19.89
CA ASP E 494 28.78 12.98 -19.64
C ASP E 494 28.19 11.75 -18.97
N HIS E 495 27.17 11.91 -18.14
CA HIS E 495 26.51 10.77 -17.52
C HIS E 495 25.81 9.91 -18.57
N THR E 496 25.00 10.54 -19.42
CA THR E 496 24.24 9.81 -20.43
C THR E 496 23.98 10.74 -21.61
N GLN E 497 24.35 10.27 -22.80
CA GLN E 497 24.11 10.98 -24.06
C GLN E 497 22.67 11.45 -24.22
N ASP E 498 21.71 10.83 -23.53
CA ASP E 498 20.30 11.15 -23.61
C ASP E 498 19.95 12.53 -23.05
N TRP E 499 20.93 13.38 -22.74
CA TRP E 499 20.65 14.71 -22.21
C TRP E 499 19.76 15.52 -23.16
N VAL E 500 19.83 15.25 -24.47
CA VAL E 500 18.98 15.95 -25.43
C VAL E 500 17.51 15.72 -25.11
N GLN E 501 17.18 14.60 -24.48
CA GLN E 501 15.81 14.31 -24.07
C GLN E 501 15.25 15.38 -23.14
N GLN E 502 16.11 16.18 -22.51
CA GLN E 502 15.68 17.23 -21.61
C GLN E 502 15.88 18.62 -22.18
N LYS E 503 15.98 18.74 -23.51
CA LYS E 503 16.19 20.05 -24.14
C LYS E 503 15.22 21.10 -23.61
N ALA E 504 13.92 20.79 -23.64
CA ALA E 504 12.92 21.76 -23.21
C ALA E 504 13.14 22.15 -21.75
N CYS E 505 13.57 21.20 -20.92
CA CYS E 505 13.80 21.50 -19.51
C CYS E 505 14.90 22.52 -19.31
N ILE E 506 15.81 22.68 -20.28
CA ILE E 506 16.87 23.67 -20.19
C ILE E 506 16.46 25.01 -20.78
N TYR E 507 15.21 25.16 -21.23
CA TYR E 507 14.69 26.42 -21.73
C TYR E 507 13.63 27.05 -20.84
N SER E 508 12.76 26.23 -20.24
CA SER E 508 11.69 26.77 -19.39
C SER E 508 12.28 27.57 -18.23
N ILE E 509 13.30 27.01 -17.56
CA ILE E 509 13.97 27.77 -16.51
C ILE E 509 14.66 28.98 -17.09
N ALA E 510 15.18 28.85 -18.31
CA ALA E 510 15.82 29.98 -18.97
C ALA E 510 14.79 31.00 -19.41
N ALA E 511 13.50 30.65 -19.38
CA ALA E 511 12.47 31.65 -19.54
C ALA E 511 12.11 32.26 -18.19
N SER E 512 12.14 31.44 -17.13
CA SER E 512 11.80 31.93 -15.80
C SER E 512 12.78 32.99 -15.34
N LEU E 513 14.07 32.79 -15.61
CA LEU E 513 15.09 33.77 -15.29
C LEU E 513 15.02 35.02 -16.16
N ALA E 514 14.10 35.07 -17.13
CA ALA E 514 14.05 36.19 -18.06
C ALA E 514 12.83 37.08 -17.85
N VAL E 515 11.63 36.50 -17.91
CA VAL E 515 10.41 37.27 -17.72
C VAL E 515 10.27 37.77 -16.30
N PHE E 516 11.13 37.32 -15.39
CA PHE E 516 11.21 37.86 -14.05
C PHE E 516 11.94 39.19 -14.01
N VAL E 517 12.95 39.38 -14.86
CA VAL E 517 13.68 40.64 -14.90
C VAL E 517 12.88 41.73 -15.58
N VAL E 518 12.20 41.40 -16.68
CA VAL E 518 11.48 42.40 -17.46
C VAL E 518 10.23 42.91 -16.77
N SER E 519 9.78 42.25 -15.69
CA SER E 519 8.57 42.65 -15.00
C SER E 519 8.78 43.07 -13.55
N PHE E 520 10.02 43.03 -13.04
CA PHE E 520 10.28 43.39 -11.67
C PHE E 520 11.47 44.32 -11.47
N LEU E 521 12.41 44.38 -12.42
CA LEU E 521 13.60 45.22 -12.28
C LEU E 521 13.27 46.70 -12.49
N PRO E 522 12.61 47.09 -13.59
CA PRO E 522 12.31 48.52 -13.76
C PRO E 522 11.41 49.08 -12.68
N VAL E 523 10.50 48.26 -12.14
CA VAL E 523 9.58 48.75 -11.11
C VAL E 523 10.35 49.15 -9.85
N HIS E 524 11.26 48.29 -9.41
CA HIS E 524 12.05 48.61 -8.23
C HIS E 524 13.10 49.66 -8.50
N LEU E 525 13.60 49.75 -9.75
CA LEU E 525 14.45 50.88 -10.11
C LEU E 525 13.70 52.20 -9.95
N GLY E 526 12.45 52.24 -10.43
CA GLY E 526 11.64 53.43 -10.25
C GLY E 526 11.33 53.71 -8.79
N PHE E 527 11.10 52.65 -8.01
CA PHE E 527 10.89 52.82 -6.57
C PHE E 527 12.11 53.47 -5.93
N PHE E 528 13.31 52.98 -6.26
CA PHE E 528 14.52 53.54 -5.69
C PHE E 528 14.69 55.00 -6.11
N LEU E 529 14.41 55.31 -7.37
CA LEU E 529 14.53 56.69 -7.83
C LEU E 529 13.55 57.61 -7.11
N GLN E 530 12.28 57.18 -6.98
CA GLN E 530 11.29 58.00 -6.28
C GLN E 530 11.65 58.18 -4.82
N PHE E 531 12.17 57.14 -4.17
CA PHE E 531 12.65 57.30 -2.80
C PHE E 531 13.84 58.25 -2.75
N LEU E 532 14.66 58.26 -3.80
CA LEU E 532 15.76 59.21 -3.86
C LEU E 532 15.24 60.65 -3.93
N VAL E 533 14.12 60.86 -4.64
CA VAL E 533 13.63 62.23 -4.84
C VAL E 533 12.63 62.67 -3.78
N ARG E 534 12.50 61.94 -2.67
CA ARG E 534 11.59 62.33 -1.60
C ARG E 534 12.30 62.72 -0.32
N ASN E 535 13.61 62.50 -0.21
CA ASN E 535 14.39 62.88 0.97
C ASN E 535 15.52 63.84 0.59
N SER E 536 15.19 64.83 -0.24
CA SER E 536 16.10 65.91 -0.62
C SER E 536 17.43 65.39 -1.15
N PHE E 537 17.35 64.64 -2.25
CA PHE E 537 18.53 64.19 -2.97
C PHE E 537 18.52 64.59 -4.44
N ILE E 538 17.36 64.56 -5.08
CA ILE E 538 17.22 64.99 -6.47
C ILE E 538 16.13 66.06 -6.50
N VAL E 539 16.52 67.30 -6.78
CA VAL E 539 15.57 68.40 -6.83
C VAL E 539 15.83 69.25 -8.08
N GLU E 540 15.05 69.02 -9.13
CA GLU E 540 15.15 69.80 -10.36
C GLU E 540 13.96 69.47 -11.24
N CYS E 541 13.46 70.49 -11.95
CA CYS E 541 12.41 70.26 -12.93
C CYS E 541 12.98 69.51 -14.14
N ARG E 542 12.08 68.92 -14.92
CA ARG E 542 12.37 68.09 -16.09
C ARG E 542 13.05 66.78 -15.71
N ALA E 543 13.31 66.54 -14.43
CA ALA E 543 13.87 65.30 -13.95
C ALA E 543 12.90 64.52 -13.07
N LYS E 544 12.33 65.17 -12.06
CA LYS E 544 11.33 64.52 -11.23
C LYS E 544 10.11 64.10 -12.04
N GLN E 545 9.76 64.89 -13.06
CA GLN E 545 8.68 64.51 -13.96
C GLN E 545 9.01 63.21 -14.69
N SER E 546 10.24 63.09 -15.19
CA SER E 546 10.66 61.88 -15.89
C SER E 546 10.67 60.68 -14.95
N ILE E 547 11.06 60.89 -13.69
CA ILE E 547 11.09 59.79 -12.74
C ILE E 547 9.68 59.35 -12.36
N SER E 548 8.77 60.30 -12.18
CA SER E 548 7.37 59.95 -11.93
C SER E 548 6.78 59.19 -13.11
N PHE E 549 7.07 59.65 -14.33
CA PHE E 549 6.60 58.94 -15.52
C PHE E 549 7.15 57.53 -15.57
N PHE E 550 8.45 57.37 -15.32
CA PHE E 550 9.06 56.04 -15.34
C PHE E 550 8.45 55.12 -14.29
N LEU E 551 8.25 55.63 -13.07
CA LEU E 551 7.71 54.77 -12.02
C LEU E 551 6.26 54.36 -12.32
N GLN E 552 5.44 55.32 -12.76
CA GLN E 552 4.06 54.99 -13.11
C GLN E 552 3.99 54.00 -14.26
N LEU E 553 4.82 54.20 -15.28
CA LEU E 553 4.79 53.33 -16.44
C LEU E 553 5.30 51.93 -16.11
N SER E 554 6.34 51.84 -15.27
CA SER E 554 6.84 50.55 -14.83
C SER E 554 5.82 49.82 -13.98
N MET E 555 5.08 50.55 -13.13
CA MET E 555 4.04 49.90 -12.34
C MET E 555 2.86 49.48 -13.21
N CYS E 556 2.64 50.18 -14.33
CA CYS E 556 1.56 49.79 -15.22
C CYS E 556 1.97 48.62 -16.11
N PHE E 557 3.26 48.47 -16.37
CA PHE E 557 3.74 47.38 -17.20
C PHE E 557 4.08 46.12 -16.42
N SER E 558 4.34 46.24 -15.11
CA SER E 558 4.56 45.05 -14.30
C SER E 558 3.30 44.21 -14.14
N ASN E 559 2.12 44.80 -14.37
CA ASN E 559 0.87 44.08 -14.21
C ASN E 559 0.58 43.13 -15.35
N VAL E 560 1.42 43.12 -16.40
CA VAL E 560 1.32 42.08 -17.43
C VAL E 560 2.10 40.83 -17.05
N ASN E 561 2.66 40.80 -15.84
CA ASN E 561 3.33 39.57 -15.40
C ASN E 561 2.31 38.53 -14.95
N CYS E 562 1.14 38.97 -14.50
CA CYS E 562 0.05 38.05 -14.22
C CYS E 562 -0.46 37.37 -15.50
N CYS E 563 -0.18 37.96 -16.67
CA CYS E 563 -0.49 37.35 -17.95
C CYS E 563 0.68 36.58 -18.53
N LEU E 564 1.91 37.02 -18.26
CA LEU E 564 3.08 36.31 -18.76
C LEU E 564 3.45 35.10 -17.91
N ASP E 565 2.90 34.98 -16.70
CA ASP E 565 3.18 33.82 -15.87
C ASP E 565 2.38 32.60 -16.32
N VAL E 566 1.28 32.79 -17.05
CA VAL E 566 0.54 31.66 -17.59
C VAL E 566 1.30 31.03 -18.74
N PHE E 567 2.09 31.83 -19.47
CA PHE E 567 2.93 31.28 -20.51
C PHE E 567 4.25 30.75 -19.95
N CYS E 568 4.85 31.48 -19.02
CA CYS E 568 6.07 31.02 -18.37
C CYS E 568 5.90 29.63 -17.75
N TYR E 569 4.95 29.47 -16.84
CA TYR E 569 4.84 28.27 -16.04
C TYR E 569 3.74 27.32 -16.52
N TYR E 570 2.51 27.83 -16.69
CA TYR E 570 1.39 26.94 -16.94
C TYR E 570 1.34 26.42 -18.37
N PHE E 571 1.82 27.18 -19.35
CA PHE E 571 1.70 26.79 -20.75
C PHE E 571 2.88 25.96 -21.26
N VAL E 572 4.04 26.04 -20.62
CA VAL E 572 5.17 25.21 -21.02
C VAL E 572 4.99 23.74 -20.63
N ILE E 573 3.96 23.43 -19.85
CA ILE E 573 3.67 22.06 -19.47
C ILE E 573 2.82 21.42 -20.56
N LYS E 574 3.29 20.28 -21.07
CA LYS E 574 2.56 19.60 -22.14
C LYS E 574 1.21 19.08 -21.65
N GLU E 575 1.16 18.55 -20.43
CA GLU E 575 -0.08 18.01 -19.90
C GLU E 575 -1.15 19.09 -19.78
N PHE E 576 -0.74 20.31 -19.38
CA PHE E 576 -1.67 21.43 -19.37
C PHE E 576 -2.22 21.71 -20.76
N ARG E 577 -1.35 21.69 -21.77
CA ARG E 577 -1.79 21.97 -23.13
C ARG E 577 -2.78 20.92 -23.62
N MET E 578 -2.52 19.64 -23.35
CA MET E 578 -3.49 18.61 -23.74
C MET E 578 -4.77 18.68 -22.91
N ASN E 579 -4.69 19.13 -21.66
CA ASN E 579 -5.87 19.17 -20.81
C ASN E 579 -6.81 20.31 -21.21
N ILE E 580 -6.25 21.49 -21.49
CA ILE E 580 -7.09 22.65 -21.81
C ILE E 580 -7.47 22.72 -23.27
N ARG E 581 -6.90 21.86 -24.12
CA ARG E 581 -7.22 21.82 -25.54
C ARG E 581 -7.74 20.43 -25.88
N ALA E 582 -9.04 20.34 -26.15
CA ALA E 582 -9.66 19.06 -26.47
C ALA E 582 -10.88 19.26 -27.37
#